data_9IK1
#
_entry.id   9IK1
#
_cell.length_a   1.00
_cell.length_b   1.00
_cell.length_c   1.00
_cell.angle_alpha   90.00
_cell.angle_beta   90.00
_cell.angle_gamma   90.00
#
_symmetry.space_group_name_H-M   'P 1'
#
loop_
_entity.id
_entity.type
_entity.pdbx_description
1 polymer 'P2X purinoceptor 3'
2 non-polymer 4-[2-cyclopropyl-7-[[(1~{R})-1-naphthalen-2-ylethyl]amino]-[1,2,4]triazolo[1,5-a]pyrimidin-5-yl]piperazine-1-carboxamide
3 non-polymer "ADENOSINE-5'-TRIPHOSPHATE"
4 non-polymer 2-acetamido-2-deoxy-beta-D-glucopyranose
5 non-polymer 'MAGNESIUM ION'
#
_entity_poly.entity_id   1
_entity_poly.type   'polypeptide(L)'
_entity_poly.pdbx_seq_one_letter_code
;DFFTYETPKVIVVKSWTIGIINRVVQLLIISYFVGWVFLHEKAYQVRDTAIESSVVTKVKGSGLYANRVMDVSDYVTPPQ
GTSVFVIITKMIVTENQMQGFCPESEEKYRCVSDSQCGPERLPGGGILTGRCVNYSSVLRTCEIQGWCPTEVDTVETPIM
MEAENFTIFIKNSIRFPLFNFEKGNLLPNLTARDMKTCRFHPDKDPFCPILRVGDVVKFAGQDFAKLARTGGVLGIKIGW
VCDLDKAWDQCIPKYSFTRLDSVSEKSSVSPGYNFRFAKYYKMENGSEYRTLLKAFGIRFDVLVYGNAGKFNIIPTIISS
VAAFTSVGVGTVLCDIILLNFLKGADQYKAKKFEEVNET
;
_entity_poly.pdbx_strand_id   A,B,C
#
loop_
_chem_comp.id
_chem_comp.type
_chem_comp.name
_chem_comp.formula
A1L2M non-polymer 4-[2-cyclopropyl-7-[[(1~{R})-1-naphthalen-2-ylethyl]amino]-[1,2,4]triazolo[1,5-a]pyrimidin-5-yl]piperazine-1-carboxamide 'C25 H28 N8 O'
ATP non-polymer ADENOSINE-5'-TRIPHOSPHATE 'C10 H16 N5 O13 P3'
MG non-polymer 'MAGNESIUM ION' 'Mg 2'
NAG D-saccharide, beta linking 2-acetamido-2-deoxy-beta-D-glucopyranose 'C8 H15 N O6'
#
# COMPACT_ATOMS: atom_id res chain seq x y z
N THR A 4 32.83 -51.47 -15.19
CA THR A 4 33.60 -50.25 -15.01
C THR A 4 33.22 -49.54 -13.72
N TYR A 5 32.85 -50.31 -12.70
CA TYR A 5 32.55 -49.75 -11.39
C TYR A 5 33.85 -49.44 -10.65
N GLU A 6 33.75 -48.52 -9.68
CA GLU A 6 34.87 -48.13 -8.84
C GLU A 6 34.45 -48.15 -7.38
N THR A 7 35.41 -48.45 -6.51
CA THR A 7 35.21 -48.46 -5.06
C THR A 7 36.48 -47.98 -4.40
N PRO A 8 36.40 -47.40 -3.20
CA PRO A 8 37.59 -47.14 -2.40
C PRO A 8 37.89 -48.31 -1.46
N LYS A 9 39.04 -48.21 -0.80
CA LYS A 9 39.47 -49.21 0.17
C LYS A 9 39.23 -48.69 1.58
N VAL A 10 38.81 -49.58 2.47
CA VAL A 10 38.39 -49.22 3.82
C VAL A 10 39.21 -50.02 4.83
N ILE A 11 39.61 -49.35 5.92
CA ILE A 11 40.36 -49.97 7.01
C ILE A 11 39.53 -49.89 8.27
N VAL A 12 39.37 -51.02 8.96
CA VAL A 12 38.54 -51.12 10.15
C VAL A 12 39.44 -51.36 11.35
N VAL A 13 39.34 -50.47 12.35
CA VAL A 13 40.05 -50.60 13.61
C VAL A 13 39.01 -50.63 14.72
N LYS A 14 38.91 -51.75 15.43
CA LYS A 14 37.84 -51.97 16.40
C LYS A 14 38.18 -51.40 17.77
N SER A 15 38.53 -50.11 17.81
CA SER A 15 38.80 -49.45 19.07
C SER A 15 37.51 -49.25 19.86
N TRP A 16 37.59 -49.54 21.16
CA TRP A 16 36.41 -49.44 22.02
C TRP A 16 35.89 -48.01 22.07
N THR A 17 36.79 -47.03 22.11
CA THR A 17 36.36 -45.63 22.12
C THR A 17 35.88 -45.20 20.74
N ILE A 18 36.60 -45.59 19.69
CA ILE A 18 36.29 -45.09 18.35
C ILE A 18 34.94 -45.59 17.88
N GLY A 19 34.61 -46.87 18.14
CA GLY A 19 33.33 -47.39 17.72
C GLY A 19 32.16 -46.64 18.33
N ILE A 20 32.20 -46.45 19.66
CA ILE A 20 31.11 -45.75 20.31
C ILE A 20 31.06 -44.29 19.86
N ILE A 21 32.22 -43.68 19.62
CA ILE A 21 32.24 -42.29 19.20
C ILE A 21 31.58 -42.13 17.83
N ASN A 22 31.94 -42.98 16.87
CA ASN A 22 31.38 -42.77 15.53
C ASN A 22 29.90 -43.13 15.49
N ARG A 23 29.48 -44.18 16.21
CA ARG A 23 28.05 -44.48 16.28
C ARG A 23 27.28 -43.35 16.93
N VAL A 24 27.83 -42.75 18.00
CA VAL A 24 27.15 -41.64 18.66
C VAL A 24 27.03 -40.45 17.72
N VAL A 25 28.10 -40.13 16.98
CA VAL A 25 28.05 -38.99 16.07
C VAL A 25 27.04 -39.22 14.95
N GLN A 26 27.04 -40.43 14.38
CA GLN A 26 26.08 -40.75 13.33
C GLN A 26 24.64 -40.66 13.85
N LEU A 27 24.40 -41.17 15.07
CA LEU A 27 23.09 -41.07 15.67
C LEU A 27 22.70 -39.61 15.89
N LEU A 28 23.65 -38.77 16.30
CA LEU A 28 23.36 -37.37 16.52
C LEU A 28 22.95 -36.68 15.21
N ILE A 29 23.64 -36.99 14.11
CA ILE A 29 23.28 -36.39 12.83
C ILE A 29 21.89 -36.83 12.40
N ILE A 30 21.61 -38.14 12.51
CA ILE A 30 20.26 -38.62 12.20
C ILE A 30 19.22 -37.93 13.05
N SER A 31 19.49 -37.76 14.34
CA SER A 31 18.56 -37.11 15.24
C SER A 31 18.29 -35.67 14.82
N TYR A 32 19.35 -34.94 14.46
CA TYR A 32 19.18 -33.55 14.09
C TYR A 32 18.32 -33.43 12.84
N PHE A 33 18.58 -34.27 11.83
CA PHE A 33 17.74 -34.23 10.63
C PHE A 33 16.30 -34.61 10.92
N VAL A 34 16.07 -35.64 11.74
CA VAL A 34 14.70 -36.10 11.91
C VAL A 34 13.93 -35.18 12.84
N GLY A 35 14.62 -34.42 13.68
CA GLY A 35 13.94 -33.59 14.65
C GLY A 35 13.78 -32.14 14.24
N TRP A 36 14.78 -31.57 13.59
CA TRP A 36 14.74 -30.14 13.29
C TRP A 36 14.29 -29.85 11.86
N VAL A 37 14.81 -30.58 10.88
CA VAL A 37 14.52 -30.25 9.49
C VAL A 37 13.11 -30.70 9.09
N PHE A 38 12.75 -31.95 9.39
CA PHE A 38 11.45 -32.47 8.98
C PHE A 38 10.32 -32.22 9.96
N LEU A 39 10.62 -31.92 11.22
CA LEU A 39 9.57 -31.86 12.22
C LEU A 39 9.27 -30.45 12.70
N HIS A 40 10.28 -29.74 13.21
CA HIS A 40 10.04 -28.37 13.66
C HIS A 40 9.94 -27.40 12.49
N GLU A 41 10.76 -27.59 11.46
CA GLU A 41 10.79 -26.66 10.34
C GLU A 41 9.84 -27.02 9.21
N LYS A 42 9.34 -28.26 9.19
CA LYS A 42 8.39 -28.72 8.19
C LYS A 42 8.92 -28.51 6.77
N ALA A 43 10.02 -29.20 6.48
CA ALA A 43 10.65 -29.08 5.17
C ALA A 43 9.97 -29.92 4.10
N TYR A 44 8.95 -30.70 4.47
CA TYR A 44 8.28 -31.61 3.54
C TYR A 44 7.07 -30.98 2.88
N GLN A 45 6.95 -29.67 2.88
CA GLN A 45 5.77 -29.01 2.32
C GLN A 45 6.15 -27.71 1.65
N VAL A 46 5.27 -27.25 0.76
CA VAL A 46 5.51 -26.07 -0.06
C VAL A 46 4.91 -24.86 0.62
N ARG A 47 5.66 -23.75 0.67
CA ARG A 47 5.22 -22.53 1.30
C ARG A 47 4.57 -21.59 0.29
N ASP A 48 3.72 -20.70 0.81
CA ASP A 48 3.11 -19.65 0.01
C ASP A 48 2.92 -18.43 0.91
N THR A 49 3.42 -17.28 0.47
CA THR A 49 3.34 -16.06 1.27
C THR A 49 2.63 -14.90 0.58
N ALA A 50 2.27 -15.03 -0.70
CA ALA A 50 1.56 -13.98 -1.40
C ALA A 50 0.07 -14.15 -1.13
N ILE A 51 -0.52 -13.18 -0.44
CA ILE A 51 -1.90 -13.25 0.02
C ILE A 51 -2.68 -12.08 -0.59
N GLU A 52 -3.91 -12.35 -1.02
CA GLU A 52 -4.81 -11.35 -1.56
C GLU A 52 -5.87 -11.04 -0.53
N SER A 53 -6.05 -9.75 -0.21
CA SER A 53 -6.89 -9.36 0.92
C SER A 53 -7.85 -8.25 0.52
N SER A 54 -8.79 -7.97 1.41
CA SER A 54 -9.80 -6.94 1.19
C SER A 54 -10.41 -6.56 2.53
N VAL A 55 -10.57 -5.27 2.80
CA VAL A 55 -11.04 -4.78 4.09
C VAL A 55 -12.14 -3.73 3.86
N VAL A 56 -13.23 -3.86 4.61
CA VAL A 56 -14.32 -2.89 4.61
C VAL A 56 -14.68 -2.59 6.05
N THR A 57 -14.79 -1.30 6.39
CA THR A 57 -15.06 -0.88 7.77
C THR A 57 -16.30 -0.01 7.85
N LYS A 58 -16.79 0.18 9.08
CA LYS A 58 -17.95 1.00 9.35
C LYS A 58 -17.98 1.35 10.84
N VAL A 59 -18.36 2.59 11.16
CA VAL A 59 -18.33 3.10 12.53
C VAL A 59 -19.73 3.57 12.91
N LYS A 60 -20.03 3.52 14.21
CA LYS A 60 -21.33 3.92 14.73
C LYS A 60 -21.19 4.62 16.07
N GLY A 61 -22.03 5.61 16.31
CA GLY A 61 -22.05 6.32 17.58
C GLY A 61 -22.43 7.77 17.40
N SER A 62 -22.79 8.41 18.50
CA SER A 62 -23.17 9.82 18.51
C SER A 62 -22.68 10.47 19.79
N GLY A 63 -22.52 11.80 19.74
CA GLY A 63 -22.06 12.53 20.91
C GLY A 63 -22.34 14.01 20.80
N LEU A 64 -22.28 14.68 21.95
CA LEU A 64 -22.45 16.13 22.03
C LEU A 64 -21.10 16.83 21.98
N TYR A 65 -21.06 17.95 21.26
CA TYR A 65 -19.85 18.76 21.21
C TYR A 65 -20.24 20.18 20.81
N ALA A 66 -20.07 21.13 21.73
CA ALA A 66 -20.35 22.54 21.50
C ALA A 66 -21.82 22.77 21.13
N ASN A 67 -22.72 22.24 21.97
CA ASN A 67 -24.16 22.42 21.83
C ASN A 67 -24.68 21.89 20.51
N ARG A 68 -24.09 20.81 20.01
CA ARG A 68 -24.55 20.17 18.79
C ARG A 68 -24.34 18.68 18.91
N VAL A 69 -25.11 17.93 18.12
CA VAL A 69 -24.99 16.48 18.07
C VAL A 69 -24.26 16.10 16.80
N MET A 70 -23.27 15.23 16.93
CA MET A 70 -22.41 14.85 15.82
C MET A 70 -22.53 13.36 15.56
N ASP A 71 -22.55 12.97 14.28
CA ASP A 71 -22.59 11.56 13.92
C ASP A 71 -21.51 11.20 12.91
N VAL A 72 -21.62 9.99 12.35
CA VAL A 72 -20.53 9.41 11.57
C VAL A 72 -20.23 10.27 10.34
N SER A 73 -21.22 10.99 9.85
CA SER A 73 -20.99 11.84 8.64
C SER A 73 -20.23 13.11 9.03
N ASP A 74 -20.10 13.38 10.33
CA ASP A 74 -19.39 14.60 10.82
C ASP A 74 -18.00 14.27 11.37
N TYR A 75 -17.84 13.17 12.11
CA TYR A 75 -16.54 12.89 12.79
C TYR A 75 -15.61 11.92 12.04
N VAL A 76 -16.01 11.32 10.93
CA VAL A 76 -15.12 10.30 10.28
C VAL A 76 -14.67 10.81 8.91
N THR A 77 -13.35 10.84 8.67
CA THR A 77 -12.80 11.26 7.35
C THR A 77 -11.64 10.31 7.02
N PRO A 78 -11.44 9.81 5.78
CA PRO A 78 -12.38 9.93 4.66
C PRO A 78 -13.64 9.06 4.80
N PRO A 79 -14.74 9.31 4.05
CA PRO A 79 -16.00 8.58 4.24
C PRO A 79 -16.27 7.27 3.48
N GLN A 80 -15.31 6.72 2.74
CA GLN A 80 -15.58 5.56 1.84
C GLN A 80 -15.35 4.20 2.51
N GLY A 81 -15.14 4.13 3.82
CA GLY A 81 -15.00 2.83 4.50
C GLY A 81 -13.81 2.00 4.07
N THR A 82 -12.65 2.61 3.87
CA THR A 82 -11.41 1.89 3.50
C THR A 82 -10.63 1.48 4.76
N SER A 83 -9.42 0.92 4.59
CA SER A 83 -8.58 0.48 5.73
C SER A 83 -8.13 1.64 6.63
N VAL A 84 -7.80 2.80 6.07
CA VAL A 84 -7.27 3.94 6.88
C VAL A 84 -8.35 5.02 7.07
N PHE A 85 -8.62 5.44 8.31
CA PHE A 85 -9.62 6.47 8.61
C PHE A 85 -9.26 7.15 9.92
N VAL A 86 -9.91 8.29 10.16
CA VAL A 86 -9.61 9.15 11.30
C VAL A 86 -10.90 9.42 12.07
N ILE A 87 -10.81 9.45 13.40
CA ILE A 87 -11.92 9.83 14.26
C ILE A 87 -11.53 11.11 14.98
N ILE A 88 -12.33 12.16 14.80
CA ILE A 88 -12.00 13.50 15.28
C ILE A 88 -12.50 13.66 16.71
N THR A 89 -11.63 14.12 17.60
CA THR A 89 -11.97 14.27 19.00
C THR A 89 -11.86 15.69 19.53
N LYS A 90 -11.41 16.65 18.73
CA LYS A 90 -11.20 18.01 19.20
C LYS A 90 -11.07 18.93 18.00
N MET A 91 -11.68 20.12 18.08
CA MET A 91 -11.65 21.06 16.97
C MET A 91 -11.51 22.48 17.47
N ILE A 92 -10.95 23.32 16.60
CA ILE A 92 -10.91 24.77 16.78
C ILE A 92 -11.51 25.39 15.53
N VAL A 93 -12.52 26.24 15.70
CA VAL A 93 -13.39 26.66 14.60
C VAL A 93 -13.31 28.17 14.43
N THR A 94 -13.16 28.61 13.18
CA THR A 94 -13.20 30.01 12.81
C THR A 94 -14.34 30.24 11.82
N GLU A 95 -15.19 31.22 12.11
CA GLU A 95 -16.43 31.42 11.37
C GLU A 95 -16.32 32.59 10.40
N ASN A 96 -16.88 32.40 9.21
CA ASN A 96 -17.16 33.48 8.26
C ASN A 96 -15.89 34.24 7.86
N GLN A 97 -14.98 33.53 7.21
CA GLN A 97 -13.80 34.15 6.66
C GLN A 97 -14.08 34.66 5.25
N MET A 98 -13.56 35.85 4.94
CA MET A 98 -13.72 36.46 3.63
C MET A 98 -12.40 37.07 3.20
N GLN A 99 -12.28 37.35 1.90
CA GLN A 99 -11.07 37.95 1.37
C GLN A 99 -10.98 39.43 1.73
N GLY A 100 -9.79 39.88 2.08
CA GLY A 100 -9.59 41.26 2.45
C GLY A 100 -8.26 41.44 3.15
N PHE A 101 -8.14 42.57 3.85
CA PHE A 101 -6.94 42.93 4.60
C PHE A 101 -7.24 42.93 6.09
N CYS A 102 -6.30 42.38 6.87
CA CYS A 102 -6.47 42.29 8.32
C CYS A 102 -5.10 42.15 8.96
N PRO A 103 -4.95 42.57 10.23
CA PRO A 103 -3.69 42.37 10.92
C PRO A 103 -3.49 40.93 11.41
N GLU A 104 -2.23 40.55 11.59
CA GLU A 104 -1.91 39.18 12.06
C GLU A 104 -2.20 39.04 13.54
N SER A 105 -2.18 37.81 14.04
CA SER A 105 -2.55 37.59 15.46
C SER A 105 -1.39 36.94 16.23
N GLU A 106 -0.55 36.19 15.55
CA GLU A 106 0.54 35.45 16.24
C GLU A 106 1.55 36.46 16.80
N GLU A 107 2.21 36.10 17.90
CA GLU A 107 3.18 37.02 18.57
C GLU A 107 4.48 37.11 17.77
N LYS A 108 4.69 36.27 16.77
CA LYS A 108 5.96 36.27 16.00
C LYS A 108 5.94 37.38 14.95
N TYR A 109 4.94 38.26 14.94
CA TYR A 109 4.84 39.28 13.87
C TYR A 109 4.82 40.71 14.42
N ARG A 110 5.48 40.95 15.54
CA ARG A 110 5.40 42.27 16.17
C ARG A 110 6.17 43.34 15.41
N CYS A 111 5.69 44.58 15.46
CA CYS A 111 6.31 45.75 14.88
C CYS A 111 6.78 46.71 15.94
N VAL A 112 7.38 47.79 15.42
CA VAL A 112 7.56 49.04 16.18
C VAL A 112 7.21 50.03 15.07
N SER A 113 7.81 49.85 13.88
CA SER A 113 7.60 50.77 12.74
C SER A 113 7.43 50.00 11.44
N ASP A 114 7.05 50.68 10.36
CA ASP A 114 6.76 49.99 9.07
C ASP A 114 7.95 49.27 8.46
N SER A 115 9.16 49.81 8.61
CA SER A 115 10.34 49.27 7.89
C SER A 115 10.71 47.84 8.30
N GLN A 116 10.30 47.38 9.46
CA GLN A 116 10.77 46.04 9.94
C GLN A 116 10.30 44.87 9.07
N CYS A 117 9.02 44.85 8.71
CA CYS A 117 8.51 43.71 7.96
C CYS A 117 8.24 44.20 6.53
N GLY A 118 9.01 43.60 5.63
CA GLY A 118 8.86 43.91 4.20
C GLY A 118 9.15 42.64 3.42
N PRO A 119 9.47 42.73 2.12
CA PRO A 119 9.81 41.53 1.35
C PRO A 119 10.94 40.68 1.97
N GLU A 120 11.85 41.29 2.72
CA GLU A 120 12.97 40.52 3.27
C GLU A 120 12.49 39.45 4.22
N ARG A 121 11.56 39.81 5.11
CA ARG A 121 11.01 38.82 6.07
C ARG A 121 9.98 37.96 5.34
N LEU A 122 10.34 36.73 4.97
CA LEU A 122 9.33 35.82 4.36
C LEU A 122 8.87 34.84 5.44
N PRO A 123 7.65 35.01 5.99
CA PRO A 123 7.13 34.13 7.01
C PRO A 123 6.06 33.17 6.50
N GLY A 124 5.85 33.09 5.18
CA GLY A 124 4.76 32.26 4.64
C GLY A 124 3.44 33.00 4.69
N GLY A 125 3.45 34.29 5.03
CA GLY A 125 2.22 35.10 5.03
C GLY A 125 1.74 35.30 3.60
N GLY A 126 0.44 35.47 3.38
CA GLY A 126 -0.04 35.52 1.98
C GLY A 126 0.67 36.64 1.26
N ILE A 127 0.74 37.82 1.87
CA ILE A 127 1.54 38.93 1.31
C ILE A 127 1.73 39.88 2.48
N LEU A 128 2.77 40.69 2.48
CA LEU A 128 2.90 41.70 3.56
C LEU A 128 2.69 43.06 2.87
N THR A 129 1.47 43.59 2.94
CA THR A 129 1.17 44.83 2.23
C THR A 129 2.20 45.91 2.52
N GLY A 130 2.98 45.78 3.59
CA GLY A 130 4.03 46.73 3.90
C GLY A 130 3.72 47.75 4.97
N ARG A 131 2.49 47.79 5.47
CA ARG A 131 2.14 48.67 6.57
C ARG A 131 2.14 47.88 7.87
N CYS A 132 1.93 48.58 8.98
CA CYS A 132 1.74 47.95 10.28
C CYS A 132 0.56 48.58 10.99
N VAL A 133 -0.28 47.75 11.59
CA VAL A 133 -1.59 48.15 12.09
C VAL A 133 -1.75 47.67 13.53
N ASN A 134 -2.55 48.39 14.30
CA ASN A 134 -2.86 47.98 15.67
C ASN A 134 -3.75 46.74 15.64
N TYR A 135 -3.33 45.69 16.35
CA TYR A 135 -4.17 44.50 16.49
C TYR A 135 -5.05 44.59 17.73
N SER A 136 -4.46 44.97 18.86
CA SER A 136 -5.19 45.23 20.09
C SER A 136 -4.63 46.50 20.70
N SER A 137 -5.02 46.79 21.93
CA SER A 137 -4.53 47.99 22.60
C SER A 137 -3.08 47.88 23.04
N VAL A 138 -2.51 46.67 23.05
CA VAL A 138 -1.15 46.47 23.55
C VAL A 138 -0.28 45.71 22.57
N LEU A 139 -0.80 45.30 21.42
CA LEU A 139 -0.02 44.56 20.43
C LEU A 139 -0.12 45.26 19.09
N ARG A 140 0.94 45.14 18.29
CA ARG A 140 0.97 45.73 16.95
C ARG A 140 1.71 44.78 16.03
N THR A 141 0.98 44.07 15.19
CA THR A 141 1.53 43.24 14.14
C THR A 141 1.27 43.92 12.80
N CYS A 142 1.85 43.38 11.73
CA CYS A 142 1.72 44.06 10.45
C CYS A 142 0.86 43.28 9.46
N GLU A 143 0.24 44.05 8.58
CA GLU A 143 -0.94 43.67 7.83
C GLU A 143 -0.62 42.65 6.74
N ILE A 144 -1.61 41.82 6.42
CA ILE A 144 -1.50 40.82 5.37
C ILE A 144 -2.75 40.89 4.49
N GLN A 145 -2.71 40.14 3.39
CA GLN A 145 -3.86 40.00 2.51
C GLN A 145 -4.19 38.53 2.33
N GLY A 146 -5.45 38.18 2.52
CA GLY A 146 -5.87 36.78 2.47
C GLY A 146 -7.25 36.63 3.07
N TRP A 147 -7.50 35.46 3.65
CA TRP A 147 -8.76 35.18 4.31
C TRP A 147 -8.75 35.81 5.71
N CYS A 148 -9.72 36.66 5.99
CA CYS A 148 -9.76 37.42 7.22
C CYS A 148 -11.08 37.21 7.93
N PRO A 149 -11.09 37.20 9.27
CA PRO A 149 -9.96 37.33 10.20
C PRO A 149 -9.14 36.06 10.36
N THR A 150 -7.88 36.20 10.75
CA THR A 150 -7.02 35.05 10.96
C THR A 150 -7.43 34.30 12.22
N GLU A 151 -7.01 33.05 12.32
CA GLU A 151 -7.43 32.19 13.41
C GLU A 151 -6.53 32.36 14.62
N VAL A 152 -7.10 32.13 15.79
CA VAL A 152 -6.38 32.14 17.06
C VAL A 152 -6.23 30.69 17.51
N ASP A 153 -5.00 30.29 17.76
CA ASP A 153 -4.64 28.89 17.89
C ASP A 153 -4.28 28.47 19.30
N THR A 154 -4.20 29.41 20.24
CA THR A 154 -3.62 29.14 21.55
C THR A 154 -4.65 28.91 22.65
N VAL A 155 -5.94 29.06 22.38
CA VAL A 155 -6.96 28.88 23.41
C VAL A 155 -7.12 27.40 23.73
N GLU A 156 -7.80 27.11 24.83
CA GLU A 156 -8.05 25.75 25.27
C GLU A 156 -9.50 25.37 24.98
N THR A 157 -9.69 24.19 24.41
CA THR A 157 -11.01 23.67 24.08
C THR A 157 -11.17 22.28 24.68
N PRO A 158 -12.40 21.91 25.03
CA PRO A 158 -12.64 20.58 25.59
C PRO A 158 -12.64 19.51 24.52
N ILE A 159 -12.54 18.26 24.97
CA ILE A 159 -12.54 17.11 24.07
C ILE A 159 -13.88 16.41 24.19
N MET A 160 -14.18 15.58 23.19
CA MET A 160 -15.46 14.88 23.12
C MET A 160 -15.30 13.53 23.80
N MET A 161 -15.79 13.42 25.04
CA MET A 161 -15.58 12.24 25.86
C MET A 161 -16.42 11.05 25.43
N GLU A 162 -17.54 11.28 24.74
CA GLU A 162 -18.39 10.17 24.33
C GLU A 162 -17.73 9.28 23.29
N ALA A 163 -16.63 9.72 22.69
CA ALA A 163 -15.93 8.95 21.67
C ALA A 163 -15.32 7.66 22.21
N GLU A 164 -15.39 7.44 23.52
CA GLU A 164 -14.86 6.22 24.10
C GLU A 164 -15.73 5.00 23.83
N ASN A 165 -17.02 5.20 23.55
CA ASN A 165 -17.97 4.11 23.40
C ASN A 165 -18.30 3.79 21.96
N PHE A 166 -17.64 4.41 20.99
CA PHE A 166 -17.91 4.13 19.60
C PHE A 166 -17.44 2.73 19.24
N THR A 167 -18.04 2.13 18.22
CA THR A 167 -17.73 0.78 17.82
C THR A 167 -17.26 0.73 16.37
N ILE A 168 -16.37 -0.22 16.08
CA ILE A 168 -15.80 -0.41 14.75
C ILE A 168 -16.10 -1.82 14.28
N PHE A 169 -16.54 -1.95 13.03
CA PHE A 169 -16.88 -3.24 12.44
C PHE A 169 -15.95 -3.50 11.27
N ILE A 170 -15.26 -4.64 11.30
CA ILE A 170 -14.24 -4.98 10.31
C ILE A 170 -14.65 -6.24 9.58
N LYS A 171 -14.61 -6.22 8.25
CA LYS A 171 -14.97 -7.35 7.41
C LYS A 171 -13.81 -7.62 6.46
N ASN A 172 -13.26 -8.83 6.51
CA ASN A 172 -12.01 -9.16 5.83
C ASN A 172 -12.15 -10.47 5.08
N SER A 173 -11.47 -10.55 3.93
CA SER A 173 -11.48 -11.75 3.09
C SER A 173 -10.09 -11.98 2.52
N ILE A 174 -9.65 -13.24 2.53
CA ILE A 174 -8.31 -13.60 2.06
C ILE A 174 -8.42 -14.68 1.01
N ARG A 175 -7.29 -14.93 0.34
CA ARG A 175 -7.21 -15.99 -0.66
C ARG A 175 -5.74 -16.32 -0.91
N PHE A 176 -5.40 -17.61 -0.83
CA PHE A 176 -4.09 -18.07 -1.21
C PHE A 176 -4.15 -18.60 -2.63
N PRO A 177 -3.55 -17.93 -3.61
CA PRO A 177 -3.76 -18.33 -5.01
C PRO A 177 -3.15 -19.68 -5.36
N LEU A 178 -2.09 -20.09 -4.67
CA LEU A 178 -1.40 -21.32 -5.04
C LEU A 178 -2.26 -22.55 -4.78
N PHE A 179 -2.85 -22.63 -3.58
CA PHE A 179 -3.66 -23.78 -3.22
C PHE A 179 -5.14 -23.57 -3.51
N ASN A 180 -5.54 -22.40 -3.98
CA ASN A 180 -6.93 -22.06 -4.28
C ASN A 180 -7.80 -22.21 -3.01
N PHE A 181 -7.47 -21.39 -2.02
CA PHE A 181 -8.08 -21.46 -0.69
C PHE A 181 -8.64 -20.10 -0.35
N GLU A 182 -9.89 -20.08 0.15
CA GLU A 182 -10.58 -18.83 0.46
C GLU A 182 -11.26 -18.92 1.81
N LYS A 183 -11.15 -17.85 2.60
CA LYS A 183 -11.85 -17.79 3.88
C LYS A 183 -11.99 -16.33 4.31
N GLY A 184 -12.97 -16.07 5.17
CA GLY A 184 -13.16 -14.75 5.73
C GLY A 184 -13.26 -14.82 7.24
N ASN A 185 -13.27 -13.65 7.87
CA ASN A 185 -13.25 -13.55 9.32
C ASN A 185 -14.65 -13.53 9.93
N LEU A 186 -15.69 -13.71 9.12
CA LEU A 186 -17.05 -13.92 9.62
C LEU A 186 -17.31 -15.42 9.58
N LEU A 187 -17.22 -16.06 10.73
CA LEU A 187 -17.29 -17.51 10.79
C LEU A 187 -18.70 -18.01 10.45
N PRO A 188 -18.83 -19.25 9.97
CA PRO A 188 -20.15 -19.75 9.55
C PRO A 188 -21.17 -19.85 10.68
N ASN A 189 -20.75 -19.88 11.94
CA ASN A 189 -21.67 -19.98 13.07
C ASN A 189 -21.94 -18.63 13.72
N LEU A 190 -21.98 -17.56 12.93
CA LEU A 190 -22.32 -16.23 13.41
C LEU A 190 -23.71 -15.88 12.94
N THR A 191 -24.55 -15.41 13.85
CA THR A 191 -25.94 -15.10 13.57
C THR A 191 -26.22 -13.63 13.83
N ALA A 192 -27.38 -13.17 13.33
CA ALA A 192 -27.77 -11.78 13.54
C ALA A 192 -27.98 -11.49 15.02
N ARG A 193 -28.52 -12.45 15.77
CA ARG A 193 -28.73 -12.25 17.20
C ARG A 193 -27.41 -12.05 17.93
N ASP A 194 -26.37 -12.81 17.56
CA ASP A 194 -25.05 -12.61 18.14
C ASP A 194 -24.46 -11.27 17.70
N MET A 195 -24.65 -10.92 16.43
CA MET A 195 -24.19 -9.63 15.92
C MET A 195 -24.82 -8.48 16.70
N LYS A 196 -26.01 -8.69 17.24
CA LYS A 196 -26.73 -7.62 17.91
C LYS A 196 -26.07 -7.19 19.22
N THR A 197 -25.33 -8.08 19.88
CA THR A 197 -24.79 -7.74 21.19
C THR A 197 -23.33 -8.11 21.45
N CYS A 198 -22.66 -8.88 20.59
CA CYS A 198 -21.31 -9.31 20.92
C CYS A 198 -20.32 -8.15 20.89
N ARG A 199 -19.26 -8.29 21.69
CA ARG A 199 -18.09 -7.43 21.64
C ARG A 199 -16.84 -8.30 21.68
N PHE A 200 -15.75 -7.77 21.14
CA PHE A 200 -14.49 -8.50 21.11
C PHE A 200 -13.86 -8.53 22.48
N HIS A 201 -13.27 -9.68 22.83
CA HIS A 201 -12.51 -9.83 24.06
C HIS A 201 -11.49 -10.92 23.74
N PRO A 202 -10.22 -10.71 24.06
CA PRO A 202 -9.17 -11.61 23.54
C PRO A 202 -9.25 -13.04 24.06
N ASP A 203 -9.99 -13.32 25.14
CA ASP A 203 -10.06 -14.69 25.62
C ASP A 203 -11.48 -15.16 25.88
N LYS A 204 -12.40 -14.24 26.14
CA LYS A 204 -13.79 -14.61 26.37
C LYS A 204 -14.62 -14.65 25.10
N ASP A 205 -14.19 -13.98 24.02
CA ASP A 205 -14.95 -13.92 22.79
C ASP A 205 -14.04 -13.51 21.63
N PRO A 206 -13.14 -14.40 21.19
CA PRO A 206 -12.07 -13.97 20.27
C PRO A 206 -12.49 -13.87 18.81
N PHE A 207 -13.77 -13.92 18.46
CA PHE A 207 -14.15 -13.95 17.06
C PHE A 207 -15.23 -12.95 16.66
N CYS A 208 -15.80 -12.21 17.60
CA CYS A 208 -16.78 -11.20 17.23
C CYS A 208 -16.07 -10.02 16.58
N PRO A 209 -16.53 -9.54 15.43
CA PRO A 209 -15.79 -8.50 14.70
C PRO A 209 -16.11 -7.08 15.14
N ILE A 210 -16.86 -6.87 16.21
CA ILE A 210 -17.19 -5.54 16.69
C ILE A 210 -16.20 -5.17 17.77
N LEU A 211 -15.48 -4.07 17.58
CA LEU A 211 -14.47 -3.61 18.53
C LEU A 211 -14.89 -2.27 19.10
N ARG A 212 -14.62 -2.05 20.38
CA ARG A 212 -14.90 -0.81 21.06
C ARG A 212 -13.63 0.03 21.14
N VAL A 213 -13.76 1.34 20.95
CA VAL A 213 -12.60 2.21 20.80
C VAL A 213 -11.75 2.23 22.07
N GLY A 214 -12.40 2.36 23.23
CA GLY A 214 -11.65 2.38 24.48
C GLY A 214 -10.88 1.09 24.71
N ASP A 215 -11.47 -0.04 24.33
CA ASP A 215 -10.78 -1.32 24.47
C ASP A 215 -9.54 -1.38 23.59
N VAL A 216 -9.63 -0.85 22.36
CA VAL A 216 -8.47 -0.83 21.47
C VAL A 216 -7.37 0.04 22.07
N VAL A 217 -7.76 1.20 22.60
CA VAL A 217 -6.77 2.10 23.21
C VAL A 217 -6.09 1.42 24.40
N LYS A 218 -6.86 0.68 25.20
CA LYS A 218 -6.27 -0.03 26.33
C LYS A 218 -5.34 -1.15 25.87
N PHE A 219 -5.75 -1.92 24.87
CA PHE A 219 -4.91 -3.02 24.39
C PHE A 219 -3.61 -2.50 23.80
N ALA A 220 -3.64 -1.31 23.19
CA ALA A 220 -2.39 -0.73 22.69
C ALA A 220 -1.49 -0.22 23.82
N GLY A 221 -2.01 -0.09 25.03
CA GLY A 221 -1.21 0.37 26.15
C GLY A 221 -1.13 1.87 26.31
N GLN A 222 -2.22 2.58 26.07
CA GLN A 222 -2.20 4.03 26.09
C GLN A 222 -3.24 4.60 27.05
N ASP A 223 -3.40 5.92 27.04
CA ASP A 223 -4.34 6.61 27.92
C ASP A 223 -5.22 7.51 27.07
N PHE A 224 -6.53 7.32 27.16
CA PHE A 224 -7.46 8.02 26.28
C PHE A 224 -7.47 9.52 26.56
N ALA A 225 -7.43 9.91 27.83
CA ALA A 225 -7.63 11.31 28.19
C ALA A 225 -6.57 12.23 27.60
N LYS A 226 -5.40 11.70 27.22
CA LYS A 226 -4.38 12.50 26.57
C LYS A 226 -4.10 12.11 25.13
N LEU A 227 -4.37 10.86 24.76
CA LEU A 227 -4.33 10.52 23.34
C LEU A 227 -5.38 11.32 22.57
N ALA A 228 -6.57 11.50 23.16
CA ALA A 228 -7.59 12.30 22.50
C ALA A 228 -7.27 13.77 22.47
N ARG A 229 -6.32 14.22 23.29
CA ARG A 229 -5.97 15.63 23.36
C ARG A 229 -4.80 15.98 22.45
N THR A 230 -3.86 15.06 22.24
CA THR A 230 -2.76 15.36 21.33
C THR A 230 -2.91 14.74 19.94
N GLY A 231 -3.54 13.58 19.82
CA GLY A 231 -3.59 12.86 18.56
C GLY A 231 -2.55 11.75 18.50
N GLY A 232 -2.77 10.82 17.59
CA GLY A 232 -1.84 9.71 17.44
C GLY A 232 -2.31 8.75 16.38
N VAL A 233 -1.51 7.70 16.18
CA VAL A 233 -1.76 6.68 15.18
C VAL A 233 -1.70 5.31 15.84
N LEU A 234 -2.73 4.51 15.64
CA LEU A 234 -2.82 3.16 16.18
C LEU A 234 -2.94 2.15 15.04
N GLY A 235 -2.43 0.96 15.27
CA GLY A 235 -2.45 -0.10 14.27
C GLY A 235 -3.22 -1.32 14.74
N ILE A 236 -3.92 -1.96 13.82
CA ILE A 236 -4.64 -3.20 14.07
C ILE A 236 -4.14 -4.25 13.09
N LYS A 237 -3.70 -5.39 13.61
CA LYS A 237 -3.05 -6.40 12.80
C LYS A 237 -3.86 -7.69 12.83
N ILE A 238 -4.01 -8.31 11.67
CA ILE A 238 -4.72 -9.57 11.52
C ILE A 238 -3.80 -10.57 10.86
N GLY A 239 -3.66 -11.75 11.46
CA GLY A 239 -2.71 -12.72 10.96
C GLY A 239 -3.28 -14.08 10.64
N TRP A 240 -3.09 -14.55 9.42
CA TRP A 240 -3.59 -15.84 8.97
C TRP A 240 -2.41 -16.79 8.79
N VAL A 241 -2.08 -17.52 9.83
CA VAL A 241 -0.99 -18.50 9.79
C VAL A 241 -1.61 -19.86 10.09
N CYS A 242 -1.81 -20.67 9.06
CA CYS A 242 -2.50 -21.94 9.23
C CYS A 242 -1.94 -23.00 8.31
N ASP A 243 -2.09 -24.26 8.75
CA ASP A 243 -1.57 -25.43 8.07
C ASP A 243 -2.72 -26.12 7.34
N LEU A 244 -2.53 -26.36 6.04
CA LEU A 244 -3.61 -26.87 5.21
C LEU A 244 -3.74 -28.38 5.24
N ASP A 245 -2.87 -29.08 5.98
CA ASP A 245 -3.03 -30.53 6.12
C ASP A 245 -4.16 -30.88 7.09
N LYS A 246 -4.44 -30.02 8.06
CA LYS A 246 -5.48 -30.28 9.03
C LYS A 246 -6.85 -29.94 8.42
N ALA A 247 -7.87 -29.86 9.26
CA ALA A 247 -9.22 -29.63 8.77
C ALA A 247 -9.37 -28.19 8.28
N TRP A 248 -10.46 -27.95 7.56
CA TRP A 248 -10.74 -26.63 7.01
C TRP A 248 -11.03 -25.61 8.09
N ASP A 249 -11.64 -26.03 9.19
CA ASP A 249 -12.07 -25.12 10.24
C ASP A 249 -11.02 -24.93 11.34
N GLN A 250 -9.74 -25.10 11.02
CA GLN A 250 -8.67 -24.83 11.96
C GLN A 250 -7.83 -23.63 11.55
N CYS A 251 -8.16 -22.97 10.45
CA CYS A 251 -7.48 -21.76 10.01
C CYS A 251 -8.31 -20.58 10.52
N ILE A 252 -7.74 -19.82 11.47
CA ILE A 252 -8.46 -18.75 12.14
C ILE A 252 -7.56 -17.53 12.26
N PRO A 253 -8.16 -16.34 12.36
CA PRO A 253 -7.36 -15.12 12.52
C PRO A 253 -6.99 -14.81 13.96
N LYS A 254 -5.89 -14.08 14.11
CA LYS A 254 -5.42 -13.60 15.40
C LYS A 254 -5.22 -12.09 15.32
N TYR A 255 -5.65 -11.37 16.36
CA TYR A 255 -5.59 -9.92 16.38
C TYR A 255 -4.49 -9.43 17.31
N SER A 256 -3.86 -8.32 16.92
CA SER A 256 -2.84 -7.66 17.73
C SER A 256 -3.02 -6.16 17.61
N PHE A 257 -2.53 -5.43 18.61
CA PHE A 257 -2.70 -3.98 18.65
C PHE A 257 -1.41 -3.32 19.09
N THR A 258 -1.15 -2.12 18.57
CA THR A 258 0.08 -1.40 18.87
C THR A 258 -0.08 0.06 18.45
N ARG A 259 0.85 0.90 18.93
CA ARG A 259 0.92 2.30 18.54
C ARG A 259 2.07 2.48 17.55
N LEU A 260 1.81 3.23 16.47
CA LEU A 260 2.73 3.28 15.34
C LEU A 260 3.63 4.50 15.32
N ASP A 261 3.18 5.65 15.82
CA ASP A 261 4.00 6.87 15.80
C ASP A 261 4.70 7.07 17.14
N SER A 262 5.58 6.12 17.46
CA SER A 262 6.23 6.10 18.76
C SER A 262 7.17 7.27 19.00
N VAL A 263 7.59 7.99 17.96
CA VAL A 263 8.52 9.09 18.16
C VAL A 263 7.83 10.29 18.79
N SER A 264 6.52 10.42 18.62
CA SER A 264 5.83 11.63 19.04
C SER A 264 5.81 11.77 20.56
N GLU A 265 5.63 10.67 21.29
CA GLU A 265 5.46 10.77 22.74
C GLU A 265 6.75 11.17 23.44
N LYS A 266 7.90 10.83 22.89
CA LYS A 266 9.18 11.16 23.50
C LYS A 266 9.78 12.46 22.98
N SER A 267 9.10 13.14 22.07
CA SER A 267 9.60 14.36 21.47
C SER A 267 8.92 15.58 22.08
N SER A 268 9.56 16.73 21.90
CA SER A 268 9.04 17.98 22.42
C SER A 268 8.87 19.05 21.36
N VAL A 269 9.16 18.75 20.10
CA VAL A 269 8.95 19.71 19.02
C VAL A 269 7.72 19.40 18.18
N SER A 270 7.21 18.17 18.23
CA SER A 270 6.04 17.78 17.48
C SER A 270 5.39 16.58 18.13
N PRO A 271 4.45 16.78 19.05
CA PRO A 271 3.94 15.68 19.89
C PRO A 271 2.70 14.97 19.41
N GLY A 272 2.05 15.36 18.31
CA GLY A 272 0.78 14.75 18.00
C GLY A 272 0.45 14.53 16.54
N TYR A 273 -0.77 14.90 16.13
CA TYR A 273 -1.23 14.73 14.76
C TYR A 273 -2.45 15.61 14.55
N ASN A 274 -2.37 16.53 13.59
CA ASN A 274 -3.49 17.42 13.30
C ASN A 274 -3.43 17.87 11.84
N PHE A 275 -4.52 18.49 11.38
CA PHE A 275 -4.62 19.00 10.02
C PHE A 275 -5.76 20.00 9.94
N ARG A 276 -5.83 20.73 8.83
CA ARG A 276 -6.88 21.71 8.60
C ARG A 276 -7.70 21.36 7.38
N PHE A 277 -8.99 21.68 7.42
CA PHE A 277 -9.85 21.61 6.25
C PHE A 277 -10.93 22.68 6.38
N ALA A 278 -11.76 22.81 5.34
CA ALA A 278 -12.69 23.95 5.28
C ALA A 278 -13.96 23.57 4.55
N LYS A 279 -14.98 24.40 4.75
CA LYS A 279 -16.28 24.27 4.09
C LYS A 279 -16.61 25.59 3.40
N TYR A 280 -17.13 25.52 2.18
CA TYR A 280 -17.32 26.70 1.35
C TYR A 280 -18.79 27.00 1.12
N TYR A 281 -19.15 28.27 1.20
CA TYR A 281 -20.50 28.75 0.95
C TYR A 281 -20.41 30.00 0.08
N LYS A 282 -21.55 30.46 -0.42
CA LYS A 282 -21.61 31.77 -1.05
C LYS A 282 -23.03 32.31 -0.99
N MET A 283 -23.14 33.63 -0.98
CA MET A 283 -24.40 34.32 -0.72
C MET A 283 -25.27 34.36 -1.97
N GLU A 284 -26.35 35.15 -1.92
CA GLU A 284 -27.18 35.37 -3.11
C GLU A 284 -26.40 36.06 -4.21
N ASN A 285 -25.49 36.95 -3.83
CA ASN A 285 -24.54 37.53 -4.76
C ASN A 285 -23.39 36.57 -5.01
N GLY A 286 -22.36 37.07 -5.69
CA GLY A 286 -21.19 36.25 -5.91
C GLY A 286 -20.25 36.15 -4.74
N SER A 287 -20.52 36.87 -3.65
CA SER A 287 -19.60 36.90 -2.52
C SER A 287 -19.45 35.53 -1.90
N GLU A 288 -18.22 35.16 -1.60
CA GLU A 288 -17.88 33.82 -1.14
C GLU A 288 -17.23 33.89 0.23
N TYR A 289 -17.63 32.98 1.12
CA TYR A 289 -17.07 32.87 2.45
C TYR A 289 -16.94 31.42 2.84
N ARG A 290 -16.21 31.15 3.93
CA ARG A 290 -15.88 29.80 4.31
C ARG A 290 -15.76 29.67 5.82
N THR A 291 -15.65 28.43 6.28
CA THR A 291 -15.42 28.10 7.69
C THR A 291 -14.20 27.20 7.78
N LEU A 292 -13.25 27.56 8.62
CA LEU A 292 -11.98 26.85 8.74
C LEU A 292 -11.93 26.07 10.05
N LEU A 293 -11.46 24.83 9.98
CA LEU A 293 -11.40 23.95 11.13
C LEU A 293 -10.01 23.34 11.26
N LYS A 294 -9.52 23.26 12.49
CA LYS A 294 -8.28 22.56 12.80
C LYS A 294 -8.64 21.37 13.70
N ALA A 295 -8.27 20.17 13.27
CA ALA A 295 -8.78 18.95 13.87
C ALA A 295 -7.66 18.10 14.44
N PHE A 296 -7.89 17.57 15.63
CA PHE A 296 -7.02 16.59 16.26
C PHE A 296 -7.76 15.26 16.33
N GLY A 297 -7.05 14.16 16.08
CA GLY A 297 -7.76 12.90 16.05
C GLY A 297 -6.85 11.71 16.18
N ILE A 298 -7.46 10.53 16.11
CA ILE A 298 -6.78 9.25 16.18
C ILE A 298 -6.94 8.55 14.84
N ARG A 299 -5.84 8.09 14.26
CA ARG A 299 -5.88 7.43 12.95
C ARG A 299 -5.70 5.93 13.15
N PHE A 300 -6.66 5.16 12.64
CA PHE A 300 -6.60 3.71 12.66
C PHE A 300 -6.22 3.19 11.28
N ASP A 301 -5.51 2.07 11.25
CA ASP A 301 -5.26 1.40 9.98
C ASP A 301 -5.04 -0.08 10.21
N VAL A 302 -5.51 -0.89 9.27
CA VAL A 302 -5.60 -2.34 9.41
C VAL A 302 -4.57 -2.99 8.50
N LEU A 303 -3.81 -3.93 9.04
CA LEU A 303 -2.72 -4.59 8.33
C LEU A 303 -2.94 -6.09 8.35
N VAL A 304 -2.79 -6.74 7.20
CA VAL A 304 -3.08 -8.16 7.06
C VAL A 304 -1.85 -8.86 6.50
N TYR A 305 -1.55 -10.05 7.03
CA TYR A 305 -0.41 -10.84 6.60
C TYR A 305 -0.68 -12.31 6.87
N GLY A 306 0.13 -13.17 6.30
CA GLY A 306 0.05 -14.58 6.62
C GLY A 306 0.79 -15.44 5.62
N ASN A 307 0.80 -16.75 5.92
CA ASN A 307 1.40 -17.74 5.04
C ASN A 307 0.79 -19.10 5.32
N ALA A 308 0.90 -20.00 4.35
CA ALA A 308 0.31 -21.33 4.44
C ALA A 308 1.24 -22.35 3.81
N GLY A 309 1.04 -23.61 4.21
CA GLY A 309 1.85 -24.70 3.68
C GLY A 309 1.01 -25.93 3.46
N LYS A 310 1.45 -26.77 2.53
CA LYS A 310 0.72 -27.97 2.15
C LYS A 310 1.71 -29.04 1.68
N PHE A 311 1.41 -30.30 2.00
CA PHE A 311 2.32 -31.39 1.71
C PHE A 311 2.53 -31.57 0.21
N ASN A 312 3.77 -31.89 -0.16
CA ASN A 312 4.12 -32.17 -1.54
C ASN A 312 5.24 -33.19 -1.55
N ILE A 313 5.53 -33.74 -2.74
CA ILE A 313 6.43 -34.87 -2.87
C ILE A 313 7.82 -34.45 -3.30
N ILE A 314 7.95 -33.41 -4.13
CA ILE A 314 9.27 -32.99 -4.60
C ILE A 314 10.15 -32.48 -3.47
N PRO A 315 9.71 -31.56 -2.60
CA PRO A 315 10.58 -31.19 -1.47
C PRO A 315 10.91 -32.35 -0.56
N THR A 316 9.98 -33.29 -0.39
CA THR A 316 10.25 -34.47 0.42
C THR A 316 11.40 -35.28 -0.18
N ILE A 317 11.35 -35.51 -1.49
CA ILE A 317 12.42 -36.26 -2.16
C ILE A 317 13.75 -35.54 -2.03
N ILE A 318 13.74 -34.23 -2.26
CA ILE A 318 14.99 -33.46 -2.22
C ILE A 318 15.59 -33.50 -0.82
N SER A 319 14.78 -33.29 0.21
CA SER A 319 15.30 -33.27 1.57
C SER A 319 15.77 -34.65 2.01
N SER A 320 15.06 -35.71 1.62
CA SER A 320 15.50 -37.06 1.95
C SER A 320 16.83 -37.39 1.29
N VAL A 321 17.00 -37.01 0.02
CA VAL A 321 18.27 -37.24 -0.66
C VAL A 321 19.38 -36.46 0.01
N ALA A 322 19.11 -35.21 0.40
CA ALA A 322 20.10 -34.42 1.11
C ALA A 322 20.48 -35.07 2.43
N ALA A 323 19.51 -35.63 3.15
CA ALA A 323 19.81 -36.29 4.42
C ALA A 323 20.69 -37.51 4.22
N PHE A 324 20.36 -38.35 3.23
CA PHE A 324 21.19 -39.52 2.95
C PHE A 324 22.60 -39.12 2.54
N THR A 325 22.72 -38.10 1.70
CA THR A 325 24.05 -37.65 1.28
C THR A 325 24.85 -37.12 2.47
N SER A 326 24.22 -36.34 3.34
CA SER A 326 24.91 -35.78 4.49
C SER A 326 25.34 -36.88 5.45
N VAL A 327 24.53 -37.93 5.61
CA VAL A 327 24.95 -39.06 6.43
C VAL A 327 26.13 -39.77 5.79
N GLY A 328 26.06 -40.01 4.48
CA GLY A 328 27.16 -40.67 3.80
C GLY A 328 28.43 -39.84 3.80
N VAL A 329 28.30 -38.55 3.51
CA VAL A 329 29.46 -37.66 3.53
C VAL A 329 29.98 -37.49 4.94
N GLY A 330 29.08 -37.38 5.92
CA GLY A 330 29.50 -37.17 7.30
C GLY A 330 30.40 -38.28 7.81
N THR A 331 30.06 -39.53 7.51
CA THR A 331 30.88 -40.65 7.95
C THR A 331 32.26 -40.62 7.27
N VAL A 332 32.28 -40.37 5.96
CA VAL A 332 33.54 -40.37 5.21
C VAL A 332 34.44 -39.24 5.69
N LEU A 333 33.88 -38.06 5.86
CA LEU A 333 34.68 -36.91 6.29
C LEU A 333 35.18 -37.08 7.71
N CYS A 334 34.31 -37.55 8.62
CA CYS A 334 34.69 -37.63 10.03
C CYS A 334 35.83 -38.63 10.24
N ASP A 335 35.81 -39.76 9.52
CA ASP A 335 36.81 -40.79 9.77
C ASP A 335 38.21 -40.30 9.43
N ILE A 336 38.35 -39.51 8.37
CA ILE A 336 39.63 -38.85 8.10
C ILE A 336 39.99 -37.95 9.29
N ILE A 337 39.03 -37.17 9.76
CA ILE A 337 39.25 -36.35 10.95
C ILE A 337 39.48 -37.23 12.18
N LEU A 338 38.70 -38.30 12.30
CA LEU A 338 38.87 -39.21 13.42
C LEU A 338 40.19 -39.96 13.35
N LEU A 339 40.75 -40.16 12.15
CA LEU A 339 42.06 -40.78 12.04
C LEU A 339 43.13 -39.94 12.72
N ASN A 340 43.08 -38.63 12.54
CA ASN A 340 43.99 -37.74 13.25
C ASN A 340 43.79 -37.86 14.75
N PHE A 341 42.54 -37.92 15.19
CA PHE A 341 42.26 -38.22 16.59
C PHE A 341 42.77 -39.60 16.97
N LEU A 342 42.54 -40.60 16.12
CA LEU A 342 43.06 -41.93 16.37
C LEU A 342 44.58 -41.95 16.32
N LYS A 343 45.17 -41.23 15.35
CA LYS A 343 46.62 -41.16 15.27
C LYS A 343 47.20 -40.41 16.46
N GLY A 344 46.53 -39.35 16.89
CA GLY A 344 46.98 -38.56 18.03
C GLY A 344 46.56 -39.16 19.35
N THR B 4 52.03 -33.91 -3.19
CA THR B 4 51.16 -34.38 -2.12
C THR B 4 49.70 -34.35 -2.55
N TYR B 5 49.39 -35.00 -3.67
CA TYR B 5 48.00 -35.09 -4.11
C TYR B 5 47.17 -35.89 -3.13
N GLU B 6 47.72 -37.00 -2.61
CA GLU B 6 47.08 -37.81 -1.58
C GLU B 6 45.71 -38.34 -2.02
N THR B 7 45.67 -38.95 -3.20
CA THR B 7 44.44 -39.58 -3.66
C THR B 7 44.25 -40.92 -2.96
N PRO B 8 43.03 -41.22 -2.50
CA PRO B 8 42.77 -42.54 -1.91
C PRO B 8 42.88 -43.64 -2.96
N LYS B 9 43.16 -44.85 -2.47
CA LYS B 9 43.28 -46.01 -3.35
C LYS B 9 41.92 -46.36 -3.95
N VAL B 10 41.95 -46.80 -5.21
CA VAL B 10 40.74 -47.08 -5.96
C VAL B 10 40.77 -48.54 -6.41
N ILE B 11 39.62 -49.20 -6.30
CA ILE B 11 39.46 -50.59 -6.73
C ILE B 11 38.53 -50.61 -7.93
N VAL B 12 38.92 -51.31 -8.98
CA VAL B 12 38.18 -51.36 -10.23
C VAL B 12 37.43 -52.69 -10.32
N VAL B 13 36.11 -52.62 -10.47
CA VAL B 13 35.27 -53.80 -10.63
C VAL B 13 35.08 -54.02 -12.12
N LYS B 14 35.66 -55.11 -12.63
CA LYS B 14 35.63 -55.39 -14.07
C LYS B 14 34.23 -55.73 -14.56
N SER B 15 33.30 -56.00 -13.65
CA SER B 15 31.94 -56.39 -14.01
C SER B 15 31.22 -55.30 -14.79
N TRP B 16 30.94 -55.56 -16.07
CA TRP B 16 30.07 -54.67 -16.83
C TRP B 16 28.67 -54.61 -16.26
N THR B 17 28.24 -55.65 -15.55
CA THR B 17 26.92 -55.67 -14.92
C THR B 17 26.79 -54.53 -13.91
N ILE B 18 27.89 -54.08 -13.32
CA ILE B 18 27.86 -52.98 -12.36
C ILE B 18 28.31 -51.70 -13.06
N GLY B 19 29.17 -51.85 -14.07
CA GLY B 19 29.58 -50.68 -14.83
C GLY B 19 28.43 -49.98 -15.52
N ILE B 20 27.48 -50.76 -16.05
CA ILE B 20 26.32 -50.17 -16.71
C ILE B 20 25.49 -49.38 -15.72
N ILE B 21 25.32 -49.90 -14.50
CA ILE B 21 24.55 -49.18 -13.49
C ILE B 21 25.26 -47.89 -13.09
N ASN B 22 26.58 -47.96 -12.92
CA ASN B 22 27.36 -46.76 -12.61
C ASN B 22 27.16 -45.70 -13.68
N ARG B 23 27.32 -46.08 -14.94
CA ARG B 23 27.17 -45.12 -16.03
C ARG B 23 25.76 -44.56 -16.10
N VAL B 24 24.75 -45.41 -15.91
CA VAL B 24 23.37 -44.96 -15.99
C VAL B 24 23.08 -43.94 -14.89
N VAL B 25 23.56 -44.20 -13.67
CA VAL B 25 23.33 -43.26 -12.58
C VAL B 25 24.05 -41.94 -12.84
N GLN B 26 25.29 -42.00 -13.33
CA GLN B 26 26.02 -40.77 -13.60
C GLN B 26 25.33 -39.94 -14.68
N LEU B 27 24.87 -40.58 -15.75
CA LEU B 27 24.13 -39.85 -16.79
C LEU B 27 22.81 -39.30 -16.25
N LEU B 28 22.15 -40.04 -15.37
CA LEU B 28 20.91 -39.52 -14.80
C LEU B 28 21.16 -38.24 -14.01
N ILE B 29 22.23 -38.23 -13.20
CA ILE B 29 22.51 -37.04 -12.39
C ILE B 29 22.89 -35.86 -13.28
N ILE B 30 23.78 -36.09 -14.26
CA ILE B 30 24.19 -34.99 -15.11
C ILE B 30 23.00 -34.49 -15.94
N SER B 31 22.10 -35.39 -16.33
CA SER B 31 20.89 -34.99 -17.04
C SER B 31 20.01 -34.11 -16.18
N TYR B 32 19.84 -34.48 -14.91
CA TYR B 32 18.99 -33.67 -14.03
C TYR B 32 19.56 -32.27 -13.87
N PHE B 33 20.88 -32.16 -13.67
CA PHE B 33 21.48 -30.84 -13.59
C PHE B 33 21.34 -30.05 -14.88
N VAL B 34 21.59 -30.67 -16.03
CA VAL B 34 21.60 -29.88 -17.26
C VAL B 34 20.18 -29.55 -17.71
N GLY B 35 19.18 -30.30 -17.26
CA GLY B 35 17.83 -30.07 -17.71
C GLY B 35 16.97 -29.26 -16.77
N TRP B 36 17.02 -29.55 -15.47
CA TRP B 36 16.11 -28.88 -14.55
C TRP B 36 16.72 -27.63 -13.92
N VAL B 37 17.97 -27.71 -13.48
CA VAL B 37 18.58 -26.58 -12.79
C VAL B 37 18.87 -25.45 -13.78
N PHE B 38 19.37 -25.77 -14.97
CA PHE B 38 19.82 -24.74 -15.89
C PHE B 38 18.74 -24.29 -16.87
N LEU B 39 18.21 -25.22 -17.67
CA LEU B 39 17.32 -24.82 -18.75
C LEU B 39 15.96 -24.36 -18.23
N HIS B 40 15.38 -25.10 -17.28
CA HIS B 40 14.04 -24.77 -16.84
C HIS B 40 14.04 -23.74 -15.72
N GLU B 41 14.89 -23.92 -14.72
CA GLU B 41 14.92 -22.99 -13.59
C GLU B 41 15.73 -21.74 -13.87
N LYS B 42 16.55 -21.73 -14.91
CA LYS B 42 17.37 -20.58 -15.29
C LYS B 42 18.18 -20.07 -14.10
N ALA B 43 19.08 -20.93 -13.63
CA ALA B 43 19.95 -20.61 -12.51
C ALA B 43 21.22 -19.90 -12.94
N TYR B 44 21.31 -19.46 -14.18
CA TYR B 44 22.47 -18.77 -14.70
C TYR B 44 22.25 -17.27 -14.82
N GLN B 45 21.26 -16.72 -14.11
CA GLN B 45 20.96 -15.31 -14.20
C GLN B 45 20.50 -14.78 -12.85
N VAL B 46 20.55 -13.46 -12.71
CA VAL B 46 20.27 -12.78 -11.44
C VAL B 46 18.83 -12.31 -11.45
N ARG B 47 18.08 -12.66 -10.41
CA ARG B 47 16.69 -12.27 -10.29
C ARG B 47 16.55 -10.86 -9.72
N ASP B 48 15.36 -10.30 -9.87
CA ASP B 48 15.03 -9.00 -9.30
C ASP B 48 13.52 -8.92 -9.13
N THR B 49 13.07 -8.62 -7.92
CA THR B 49 11.64 -8.61 -7.63
C THR B 49 11.13 -7.29 -7.05
N ALA B 50 12.01 -6.32 -6.82
CA ALA B 50 11.60 -5.02 -6.31
C ALA B 50 11.28 -4.11 -7.49
N ILE B 51 10.00 -3.80 -7.68
CA ILE B 51 9.52 -3.03 -8.82
C ILE B 51 8.93 -1.73 -8.34
N GLU B 52 9.20 -0.65 -9.05
CA GLU B 52 8.63 0.67 -8.78
C GLU B 52 7.55 0.96 -9.79
N SER B 53 6.36 1.32 -9.32
CA SER B 53 5.20 1.43 -10.18
C SER B 53 4.48 2.75 -9.96
N SER B 54 3.50 3.01 -10.82
CA SER B 54 2.69 4.22 -10.79
C SER B 54 1.44 4.04 -11.65
N VAL B 55 0.27 4.43 -11.14
CA VAL B 55 -1.00 4.24 -11.82
C VAL B 55 -1.79 5.55 -11.82
N VAL B 56 -2.36 5.90 -12.97
CA VAL B 56 -3.24 7.05 -13.12
C VAL B 56 -4.47 6.60 -13.91
N THR B 57 -5.67 6.91 -13.40
CA THR B 57 -6.90 6.44 -14.00
C THR B 57 -7.83 7.60 -14.30
N LYS B 58 -8.82 7.33 -15.16
CA LYS B 58 -9.82 8.31 -15.56
C LYS B 58 -11.05 7.57 -16.08
N VAL B 59 -12.23 8.11 -15.79
CA VAL B 59 -13.51 7.46 -16.12
C VAL B 59 -14.35 8.43 -16.95
N LYS B 60 -15.16 7.88 -17.85
CA LYS B 60 -16.03 8.68 -18.70
C LYS B 60 -17.39 8.01 -18.88
N GLY B 61 -18.42 8.82 -19.06
CA GLY B 61 -19.76 8.34 -19.29
C GLY B 61 -20.78 9.20 -18.56
N SER B 62 -22.02 9.18 -19.06
CA SER B 62 -23.12 9.91 -18.47
C SER B 62 -24.36 9.03 -18.41
N GLY B 63 -25.18 9.27 -17.39
CA GLY B 63 -26.40 8.50 -17.22
C GLY B 63 -27.48 9.34 -16.58
N LEU B 64 -28.70 8.81 -16.58
CA LEU B 64 -29.86 9.51 -16.06
C LEU B 64 -30.40 8.75 -14.85
N TYR B 65 -30.62 9.46 -13.76
CA TYR B 65 -31.03 8.84 -12.51
C TYR B 65 -31.87 9.83 -11.72
N ALA B 66 -33.11 9.45 -11.42
CA ALA B 66 -34.04 10.28 -10.64
C ALA B 66 -34.29 11.63 -11.30
N ASN B 67 -34.55 11.59 -12.61
CA ASN B 67 -34.87 12.77 -13.41
C ASN B 67 -33.73 13.80 -13.40
N ARG B 68 -32.49 13.33 -13.35
CA ARG B 68 -31.33 14.20 -13.43
C ARG B 68 -30.24 13.49 -14.22
N VAL B 69 -29.34 14.26 -14.80
CA VAL B 69 -28.20 13.73 -15.53
C VAL B 69 -26.99 13.78 -14.61
N MET B 70 -26.25 12.68 -14.54
CA MET B 70 -25.10 12.55 -13.66
C MET B 70 -23.86 12.27 -14.46
N ASP B 71 -22.72 12.82 -14.03
CA ASP B 71 -21.47 12.62 -14.74
C ASP B 71 -20.37 12.32 -13.72
N VAL B 72 -19.12 12.38 -14.20
CA VAL B 72 -18.01 11.80 -13.46
C VAL B 72 -17.78 12.53 -12.15
N SER B 73 -18.04 13.83 -12.10
CA SER B 73 -17.93 14.55 -10.84
C SER B 73 -19.04 14.20 -9.87
N ASP B 74 -20.06 13.49 -10.32
CA ASP B 74 -21.18 13.06 -9.48
C ASP B 74 -21.06 11.64 -8.99
N TYR B 75 -20.69 10.68 -9.86
CA TYR B 75 -20.77 9.28 -9.47
C TYR B 75 -19.43 8.63 -9.17
N VAL B 76 -18.33 9.38 -9.07
CA VAL B 76 -17.03 8.82 -8.79
C VAL B 76 -16.45 9.49 -7.55
N THR B 77 -15.94 8.70 -6.62
CA THR B 77 -15.32 9.21 -5.42
C THR B 77 -14.26 8.24 -4.91
N PRO B 78 -13.07 8.74 -4.49
CA PRO B 78 -12.57 10.11 -4.53
C PRO B 78 -12.13 10.53 -5.93
N PRO B 79 -12.08 11.84 -6.20
CA PRO B 79 -11.88 12.31 -7.57
C PRO B 79 -10.43 12.44 -8.04
N GLN B 80 -9.43 12.03 -7.26
CA GLN B 80 -8.05 12.37 -7.58
C GLN B 80 -7.42 11.45 -8.61
N GLY B 81 -8.13 10.46 -9.14
CA GLY B 81 -7.56 9.58 -10.14
C GLY B 81 -6.45 8.68 -9.64
N THR B 82 -6.61 8.10 -8.47
CA THR B 82 -5.65 7.16 -7.92
C THR B 82 -6.00 5.75 -8.38
N SER B 83 -5.41 4.74 -7.76
CA SER B 83 -5.61 3.36 -8.16
C SER B 83 -6.72 2.66 -7.37
N VAL B 84 -7.47 3.38 -6.54
CA VAL B 84 -8.63 2.85 -5.85
C VAL B 84 -9.76 3.87 -5.97
N PHE B 85 -10.91 3.44 -6.48
CA PHE B 85 -12.04 4.35 -6.67
C PHE B 85 -13.33 3.56 -6.66
N VAL B 86 -14.45 4.28 -6.58
CA VAL B 86 -15.78 3.69 -6.45
C VAL B 86 -16.69 4.29 -7.51
N ILE B 87 -17.55 3.47 -8.10
CA ILE B 87 -18.59 3.92 -9.02
C ILE B 87 -19.94 3.65 -8.37
N ILE B 88 -20.71 4.70 -8.15
CA ILE B 88 -21.97 4.62 -7.42
C ILE B 88 -23.08 4.23 -8.38
N THR B 89 -23.88 3.22 -8.00
CA THR B 89 -24.94 2.72 -8.85
C THR B 89 -26.33 2.78 -8.23
N LYS B 90 -26.46 3.26 -7.00
CA LYS B 90 -27.75 3.27 -6.31
C LYS B 90 -27.64 4.15 -5.08
N MET B 91 -28.64 4.99 -4.85
CA MET B 91 -28.61 5.91 -3.72
C MET B 91 -29.98 5.99 -3.04
N ILE B 92 -29.95 6.35 -1.76
CA ILE B 92 -31.14 6.70 -0.99
C ILE B 92 -30.89 8.07 -0.39
N VAL B 93 -31.80 9.02 -0.64
CA VAL B 93 -31.56 10.43 -0.39
C VAL B 93 -32.55 10.94 0.64
N THR B 94 -32.06 11.68 1.64
CA THR B 94 -32.87 12.37 2.62
C THR B 94 -32.57 13.86 2.53
N GLU B 95 -33.62 14.68 2.38
CA GLU B 95 -33.48 16.08 2.03
C GLU B 95 -33.76 16.99 3.21
N ASN B 96 -32.94 18.04 3.35
CA ASN B 96 -33.18 19.14 4.28
C ASN B 96 -33.29 18.67 5.73
N GLN B 97 -32.20 18.12 6.23
CA GLN B 97 -32.10 17.76 7.63
C GLN B 97 -31.62 18.96 8.44
N MET B 98 -32.25 19.17 9.60
CA MET B 98 -31.85 20.23 10.51
C MET B 98 -31.79 19.67 11.91
N GLN B 99 -31.24 20.45 12.83
CA GLN B 99 -31.11 20.02 14.22
C GLN B 99 -32.41 20.26 14.98
N GLY B 100 -32.77 19.30 15.83
CA GLY B 100 -33.98 19.42 16.60
C GLY B 100 -34.35 18.10 17.23
N PHE B 101 -35.63 17.97 17.57
CA PHE B 101 -36.19 16.76 18.19
C PHE B 101 -37.20 16.11 17.26
N CYS B 102 -37.13 14.79 17.15
CA CYS B 102 -38.02 14.06 16.26
C CYS B 102 -38.11 12.61 16.74
N PRO B 103 -39.18 11.91 16.41
CA PRO B 103 -39.26 10.48 16.74
C PRO B 103 -38.39 9.65 15.82
N GLU B 104 -38.19 8.40 16.22
CA GLU B 104 -37.32 7.47 15.50
C GLU B 104 -38.17 6.57 14.63
N SER B 105 -37.65 6.21 13.44
CA SER B 105 -38.48 5.56 12.44
C SER B 105 -38.41 4.03 12.52
N GLU B 106 -37.27 3.48 12.90
CA GLU B 106 -37.11 2.03 12.89
C GLU B 106 -38.02 1.36 13.91
N GLU B 107 -38.40 0.12 13.62
CA GLU B 107 -39.32 -0.61 14.49
C GLU B 107 -38.64 -1.20 15.72
N LYS B 108 -37.31 -1.29 15.73
CA LYS B 108 -36.64 -1.81 16.90
C LYS B 108 -36.58 -0.83 18.05
N TYR B 109 -37.06 0.40 17.84
CA TYR B 109 -37.14 1.41 18.89
C TYR B 109 -38.56 1.59 19.42
N ARG B 110 -39.36 0.53 19.36
CA ARG B 110 -40.76 0.62 19.78
C ARG B 110 -40.86 0.78 21.29
N CYS B 111 -41.86 1.54 21.73
CA CYS B 111 -42.11 1.77 23.14
C CYS B 111 -43.61 1.80 23.38
N VAL B 112 -43.98 1.64 24.65
CA VAL B 112 -45.37 1.84 25.05
C VAL B 112 -45.51 2.85 26.19
N SER B 113 -44.45 3.15 26.92
CA SER B 113 -44.50 4.16 27.97
C SER B 113 -43.13 4.82 28.11
N ASP B 114 -43.04 5.78 29.02
CA ASP B 114 -41.78 6.48 29.21
C ASP B 114 -40.70 5.61 29.84
N SER B 115 -41.07 4.46 30.42
CA SER B 115 -40.13 3.71 31.24
C SER B 115 -39.22 2.78 30.43
N GLN B 116 -39.62 2.35 29.24
CA GLN B 116 -38.83 1.32 28.55
C GLN B 116 -37.49 1.84 28.06
N CYS B 117 -37.48 3.01 27.41
CA CYS B 117 -36.24 3.51 26.81
C CYS B 117 -35.74 4.69 27.63
N GLY B 118 -34.65 4.47 28.36
CA GLY B 118 -33.95 5.51 29.07
C GLY B 118 -32.48 5.48 28.71
N PRO B 119 -31.61 5.49 29.72
CA PRO B 119 -30.17 5.40 29.44
C PRO B 119 -29.72 4.00 29.05
N GLU B 120 -30.66 3.10 28.81
CA GLU B 120 -30.30 1.71 28.52
C GLU B 120 -29.67 1.57 27.14
N ARG B 121 -30.43 1.87 26.08
CA ARG B 121 -29.97 1.67 24.72
C ARG B 121 -29.22 2.92 24.27
N LEU B 122 -27.89 2.81 24.16
CA LEU B 122 -27.10 3.99 23.83
C LEU B 122 -27.10 4.33 22.33
N PRO B 123 -26.87 3.39 21.38
CA PRO B 123 -26.58 3.84 20.02
C PRO B 123 -27.82 4.24 19.22
N GLY B 124 -27.61 4.58 17.95
CA GLY B 124 -28.71 4.82 17.03
C GLY B 124 -29.25 6.23 17.09
N GLY B 125 -29.38 6.87 15.93
CA GLY B 125 -29.89 8.23 15.86
C GLY B 125 -29.03 9.22 16.60
N GLY B 126 -29.51 9.71 17.73
CA GLY B 126 -28.74 10.60 18.57
C GLY B 126 -28.82 10.25 20.04
N ILE B 127 -29.16 11.23 20.86
CA ILE B 127 -29.24 11.10 22.31
C ILE B 127 -30.71 10.99 22.69
N LEU B 128 -31.05 9.97 23.46
CA LEU B 128 -32.43 9.80 23.90
C LEU B 128 -32.81 10.90 24.90
N THR B 129 -34.08 11.30 24.87
CA THR B 129 -34.56 12.35 25.75
C THR B 129 -35.44 11.84 26.88
N GLY B 130 -36.07 10.68 26.73
CA GLY B 130 -36.86 10.08 27.79
C GLY B 130 -38.36 10.11 27.59
N ARG B 131 -38.85 10.54 26.44
CA ARG B 131 -40.28 10.61 26.17
C ARG B 131 -40.64 9.65 25.04
N CYS B 132 -41.92 9.29 24.99
CA CYS B 132 -42.48 8.55 23.86
C CYS B 132 -43.47 9.42 23.10
N VAL B 133 -43.38 9.37 21.78
CA VAL B 133 -44.22 10.18 20.90
C VAL B 133 -44.71 9.32 19.74
N ASN B 134 -45.77 9.79 19.10
CA ASN B 134 -46.39 9.05 18.01
C ASN B 134 -45.63 9.29 16.71
N TYR B 135 -45.00 8.24 16.19
CA TYR B 135 -44.40 8.35 14.86
C TYR B 135 -45.45 8.34 13.78
N SER B 136 -46.47 7.51 13.92
CA SER B 136 -47.59 7.45 12.99
C SER B 136 -48.83 7.09 13.79
N SER B 137 -49.89 6.68 13.08
CA SER B 137 -51.14 6.34 13.75
C SER B 137 -51.12 4.94 14.37
N VAL B 138 -50.11 4.12 14.07
CA VAL B 138 -50.10 2.73 14.52
C VAL B 138 -48.80 2.40 15.23
N LEU B 139 -47.81 3.28 15.13
CA LEU B 139 -46.49 3.03 15.70
C LEU B 139 -46.16 4.09 16.73
N ARG B 140 -45.40 3.69 17.75
CA ARG B 140 -44.95 4.61 18.79
C ARG B 140 -43.51 4.26 19.15
N THR B 141 -42.58 5.09 18.73
CA THR B 141 -41.19 5.01 19.13
C THR B 141 -40.89 6.16 20.08
N CYS B 142 -39.65 6.23 20.56
CA CYS B 142 -39.32 7.26 21.53
C CYS B 142 -38.24 8.20 21.01
N GLU B 143 -38.30 9.41 21.53
CA GLU B 143 -37.74 10.60 20.90
C GLU B 143 -36.22 10.65 21.04
N ILE B 144 -35.57 11.31 20.07
CA ILE B 144 -34.13 11.49 20.06
C ILE B 144 -33.81 12.95 19.80
N GLN B 145 -32.53 13.28 19.86
CA GLN B 145 -32.03 14.61 19.54
C GLN B 145 -30.91 14.48 18.52
N GLY B 146 -31.00 15.23 17.43
CA GLY B 146 -30.01 15.15 16.38
C GLY B 146 -30.53 15.78 15.10
N TRP B 147 -30.02 15.29 13.98
CA TRP B 147 -30.49 15.74 12.67
C TRP B 147 -31.85 15.13 12.39
N CYS B 148 -32.84 15.96 12.09
CA CYS B 148 -34.21 15.52 11.91
C CYS B 148 -34.74 16.03 10.58
N PRO B 149 -35.61 15.26 9.91
CA PRO B 149 -36.12 13.93 10.25
C PRO B 149 -35.15 12.79 9.95
N THR B 150 -35.30 11.67 10.66
CA THR B 150 -34.44 10.52 10.43
C THR B 150 -34.77 9.85 9.11
N GLU B 151 -33.83 9.06 8.61
CA GLU B 151 -33.95 8.46 7.30
C GLU B 151 -34.66 7.11 7.38
N VAL B 152 -35.42 6.80 6.34
CA VAL B 152 -36.04 5.49 6.17
C VAL B 152 -35.18 4.68 5.21
N ASP B 153 -34.94 3.43 5.56
CA ASP B 153 -33.93 2.62 4.92
C ASP B 153 -34.49 1.40 4.20
N THR B 154 -35.78 1.12 4.34
CA THR B 154 -36.35 -0.14 3.89
C THR B 154 -37.08 -0.04 2.55
N VAL B 155 -37.21 1.15 1.98
CA VAL B 155 -37.88 1.30 0.70
C VAL B 155 -37.01 0.74 -0.41
N GLU B 156 -37.59 0.54 -1.60
CA GLU B 156 -36.89 -0.04 -2.72
C GLU B 156 -36.69 1.02 -3.79
N THR B 157 -35.46 1.12 -4.29
CA THR B 157 -35.09 2.13 -5.27
C THR B 157 -34.46 1.47 -6.48
N PRO B 158 -34.59 2.08 -7.65
CA PRO B 158 -34.01 1.50 -8.87
C PRO B 158 -32.51 1.77 -8.95
N ILE B 159 -31.86 1.03 -9.84
CA ILE B 159 -30.44 1.16 -10.08
C ILE B 159 -30.22 1.90 -11.39
N MET B 160 -29.00 2.37 -11.59
CA MET B 160 -28.64 3.12 -12.80
C MET B 160 -28.10 2.13 -13.81
N MET B 161 -28.93 1.79 -14.81
CA MET B 161 -28.57 0.74 -15.75
C MET B 161 -27.52 1.18 -16.75
N GLU B 162 -27.42 2.50 -17.01
CA GLU B 162 -26.46 2.99 -17.99
C GLU B 162 -25.01 2.80 -17.56
N ALA B 163 -24.77 2.48 -16.29
CA ALA B 163 -23.41 2.33 -15.80
C ALA B 163 -22.69 1.15 -16.42
N GLU B 164 -23.39 0.34 -17.21
CA GLU B 164 -22.77 -0.80 -17.87
C GLU B 164 -21.82 -0.38 -18.98
N ASN B 165 -22.00 0.82 -19.54
CA ASN B 165 -21.25 1.26 -20.71
C ASN B 165 -20.14 2.25 -20.40
N PHE B 166 -19.88 2.55 -19.13
CA PHE B 166 -18.80 3.47 -18.81
C PHE B 166 -17.45 2.83 -19.13
N THR B 167 -16.44 3.67 -19.35
CA THR B 167 -15.12 3.20 -19.76
C THR B 167 -14.05 3.68 -18.80
N ILE B 168 -13.04 2.85 -18.59
CA ILE B 168 -11.93 3.13 -17.68
C ILE B 168 -10.64 3.14 -18.48
N PHE B 169 -9.80 4.14 -18.23
CA PHE B 169 -8.53 4.31 -18.91
C PHE B 169 -7.41 4.23 -17.88
N ILE B 170 -6.44 3.34 -18.11
CA ILE B 170 -5.38 3.05 -17.14
C ILE B 170 -4.03 3.36 -17.77
N LYS B 171 -3.20 4.09 -17.04
CA LYS B 171 -1.86 4.45 -17.48
C LYS B 171 -0.86 4.01 -16.43
N ASN B 172 0.09 3.16 -16.82
CA ASN B 172 0.98 2.49 -15.88
C ASN B 172 2.42 2.59 -16.33
N SER B 173 3.35 2.70 -15.38
CA SER B 173 4.77 2.80 -15.65
C SER B 173 5.55 2.00 -14.61
N ILE B 174 6.59 1.30 -15.04
CA ILE B 174 7.39 0.48 -14.14
C ILE B 174 8.86 0.86 -14.27
N ARG B 175 9.67 0.29 -13.39
CA ARG B 175 11.12 0.42 -13.46
C ARG B 175 11.75 -0.67 -12.61
N PHE B 176 12.75 -1.35 -13.16
CA PHE B 176 13.55 -2.29 -12.41
C PHE B 176 14.86 -1.60 -12.04
N PRO B 177 15.09 -1.25 -10.77
CA PRO B 177 16.26 -0.43 -10.44
C PRO B 177 17.59 -1.13 -10.66
N LEU B 178 17.61 -2.47 -10.63
CA LEU B 178 18.89 -3.18 -10.72
C LEU B 178 19.48 -3.06 -12.12
N PHE B 179 18.65 -3.13 -13.16
CA PHE B 179 19.12 -3.11 -14.53
C PHE B 179 18.86 -1.79 -15.25
N ASN B 180 18.24 -0.82 -14.58
CA ASN B 180 17.85 0.45 -15.18
C ASN B 180 16.99 0.22 -16.42
N PHE B 181 15.85 -0.43 -16.21
CA PHE B 181 14.92 -0.79 -17.27
C PHE B 181 13.61 -0.09 -17.02
N GLU B 182 13.07 0.57 -18.05
CA GLU B 182 11.85 1.35 -17.91
C GLU B 182 10.92 1.07 -19.08
N LYS B 183 9.64 0.92 -18.78
CA LYS B 183 8.63 0.72 -19.82
C LYS B 183 7.26 1.06 -19.27
N GLY B 184 6.33 1.34 -20.19
CA GLY B 184 4.94 1.58 -19.82
C GLY B 184 4.02 0.76 -20.71
N ASN B 185 2.74 0.78 -20.36
CA ASN B 185 1.76 -0.02 -21.09
C ASN B 185 1.16 0.71 -22.29
N LEU B 186 1.61 1.92 -22.58
CA LEU B 186 1.22 2.63 -23.80
C LEU B 186 2.31 2.36 -24.83
N LEU B 187 2.10 1.37 -25.68
CA LEU B 187 3.12 0.94 -26.61
C LEU B 187 3.34 2.00 -27.70
N PRO B 188 4.51 2.00 -28.33
CA PRO B 188 4.78 3.02 -29.36
C PRO B 188 3.89 2.92 -30.58
N ASN B 189 3.19 1.80 -30.78
CA ASN B 189 2.29 1.66 -31.92
C ASN B 189 1.00 2.44 -31.73
N LEU B 190 0.70 2.89 -30.51
CA LEU B 190 -0.58 3.52 -30.22
C LEU B 190 -0.66 4.91 -30.82
N THR B 191 -1.78 5.23 -31.45
CA THR B 191 -2.02 6.53 -32.06
C THR B 191 -3.37 7.07 -31.60
N ALA B 192 -3.62 8.33 -31.94
CA ALA B 192 -4.87 8.97 -31.53
C ALA B 192 -6.08 8.31 -32.20
N ARG B 193 -5.95 7.94 -33.46
CA ARG B 193 -7.06 7.29 -34.15
C ARG B 193 -7.40 5.94 -33.51
N ASP B 194 -6.39 5.19 -33.10
CA ASP B 194 -6.64 3.95 -32.37
C ASP B 194 -7.28 4.24 -31.02
N MET B 195 -6.82 5.31 -30.36
CA MET B 195 -7.38 5.69 -29.07
C MET B 195 -8.85 6.04 -29.17
N LYS B 196 -9.28 6.55 -30.33
CA LYS B 196 -10.65 7.01 -30.45
C LYS B 196 -11.66 5.86 -30.45
N THR B 197 -11.26 4.64 -30.82
CA THR B 197 -12.23 3.56 -30.99
C THR B 197 -11.85 2.22 -30.38
N CYS B 198 -10.61 2.01 -29.94
CA CYS B 198 -10.23 0.69 -29.47
C CYS B 198 -10.91 0.34 -28.15
N ARG B 199 -11.09 -0.96 -27.94
CA ARG B 199 -11.54 -1.51 -26.65
C ARG B 199 -10.76 -2.78 -26.38
N PHE B 200 -10.52 -3.05 -25.10
CA PHE B 200 -9.75 -4.21 -24.70
C PHE B 200 -10.53 -5.50 -24.98
N HIS B 201 -9.80 -6.53 -25.42
CA HIS B 201 -10.36 -7.86 -25.64
C HIS B 201 -9.19 -8.82 -25.52
N PRO B 202 -9.34 -9.92 -24.79
CA PRO B 202 -8.16 -10.72 -24.42
C PRO B 202 -7.42 -11.36 -25.59
N ASP B 203 -8.04 -11.51 -26.75
CA ASP B 203 -7.34 -12.13 -27.86
C ASP B 203 -7.42 -11.32 -29.14
N LYS B 204 -8.50 -10.57 -29.34
CA LYS B 204 -8.63 -9.77 -30.55
C LYS B 204 -7.89 -8.43 -30.45
N ASP B 205 -7.64 -7.93 -29.25
CA ASP B 205 -7.01 -6.63 -29.06
C ASP B 205 -6.44 -6.53 -27.65
N PRO B 206 -5.33 -7.20 -27.35
CA PRO B 206 -4.87 -7.33 -25.96
C PRO B 206 -4.08 -6.16 -25.42
N PHE B 207 -4.07 -5.00 -26.08
CA PHE B 207 -3.19 -3.92 -25.66
C PHE B 207 -3.86 -2.55 -25.55
N CYS B 208 -5.11 -2.40 -25.96
CA CYS B 208 -5.77 -1.11 -25.83
C CYS B 208 -6.05 -0.83 -24.35
N PRO B 209 -5.70 0.36 -23.85
CA PRO B 209 -5.84 0.62 -22.40
C PRO B 209 -7.24 0.96 -21.97
N ILE B 210 -8.23 0.95 -22.85
CA ILE B 210 -9.58 1.36 -22.52
C ILE B 210 -10.40 0.12 -22.20
N LEU B 211 -10.96 0.05 -21.01
CA LEU B 211 -11.75 -1.07 -20.57
C LEU B 211 -13.20 -0.64 -20.35
N ARG B 212 -14.12 -1.53 -20.68
CA ARG B 212 -15.55 -1.29 -20.47
C ARG B 212 -16.00 -1.98 -19.20
N VAL B 213 -16.88 -1.32 -18.44
CA VAL B 213 -17.24 -1.80 -17.12
C VAL B 213 -17.96 -3.15 -17.19
N GLY B 214 -18.91 -3.27 -18.11
CA GLY B 214 -19.62 -4.53 -18.27
C GLY B 214 -18.70 -5.68 -18.61
N ASP B 215 -17.69 -5.42 -19.44
CA ASP B 215 -16.74 -6.47 -19.80
C ASP B 215 -15.90 -6.90 -18.60
N VAL B 216 -15.51 -5.96 -17.74
CA VAL B 216 -14.74 -6.33 -16.55
C VAL B 216 -15.60 -7.17 -15.62
N VAL B 217 -16.84 -6.76 -15.39
CA VAL B 217 -17.74 -7.55 -14.54
C VAL B 217 -17.95 -8.93 -15.14
N LYS B 218 -18.02 -9.01 -16.46
CA LYS B 218 -18.22 -10.29 -17.15
C LYS B 218 -17.01 -11.20 -17.00
N PHE B 219 -15.80 -10.63 -17.16
CA PHE B 219 -14.58 -11.43 -17.03
C PHE B 219 -14.37 -11.91 -15.61
N ALA B 220 -14.80 -11.13 -14.61
CA ALA B 220 -14.67 -11.60 -13.24
C ALA B 220 -15.60 -12.76 -12.93
N GLY B 221 -16.61 -12.99 -13.77
CA GLY B 221 -17.54 -14.09 -13.58
C GLY B 221 -18.74 -13.74 -12.73
N GLN B 222 -19.22 -12.51 -12.82
CA GLN B 222 -20.32 -12.04 -11.98
C GLN B 222 -21.51 -11.61 -12.83
N ASP B 223 -22.52 -11.07 -12.17
CA ASP B 223 -23.76 -10.67 -12.81
C ASP B 223 -24.04 -9.21 -12.44
N PHE B 224 -24.22 -8.37 -13.46
CA PHE B 224 -24.32 -6.94 -13.21
C PHE B 224 -25.59 -6.58 -12.45
N ALA B 225 -26.71 -7.22 -12.77
CA ALA B 225 -27.96 -6.83 -12.16
C ALA B 225 -28.01 -7.14 -10.66
N LYS B 226 -27.10 -7.95 -10.15
CA LYS B 226 -26.98 -8.22 -8.72
C LYS B 226 -25.83 -7.47 -8.08
N LEU B 227 -24.70 -7.36 -8.78
CA LEU B 227 -23.59 -6.58 -8.26
C LEU B 227 -23.99 -5.12 -8.09
N ALA B 228 -24.74 -4.57 -9.04
CA ALA B 228 -25.16 -3.18 -8.92
C ALA B 228 -26.17 -2.97 -7.80
N ARG B 229 -26.85 -4.03 -7.36
CA ARG B 229 -27.87 -3.89 -6.33
C ARG B 229 -27.33 -4.12 -4.93
N THR B 230 -26.27 -4.92 -4.77
CA THR B 230 -25.71 -5.13 -3.44
C THR B 230 -24.37 -4.47 -3.21
N GLY B 231 -23.57 -4.26 -4.24
CA GLY B 231 -22.23 -3.75 -4.10
C GLY B 231 -21.19 -4.86 -4.04
N GLY B 232 -19.95 -4.49 -4.31
CA GLY B 232 -18.88 -5.49 -4.28
C GLY B 232 -17.54 -4.85 -4.53
N VAL B 233 -16.52 -5.70 -4.55
CA VAL B 233 -15.14 -5.27 -4.79
C VAL B 233 -14.54 -6.16 -5.87
N LEU B 234 -14.00 -5.52 -6.91
CA LEU B 234 -13.36 -6.21 -8.02
C LEU B 234 -11.91 -5.79 -8.12
N GLY B 235 -11.07 -6.69 -8.61
CA GLY B 235 -9.64 -6.44 -8.72
C GLY B 235 -9.16 -6.58 -10.15
N ILE B 236 -8.21 -5.73 -10.53
CA ILE B 236 -7.57 -5.76 -11.83
C ILE B 236 -6.07 -5.90 -11.61
N LYS B 237 -5.46 -6.91 -12.22
CA LYS B 237 -4.06 -7.21 -12.00
C LYS B 237 -3.26 -7.08 -13.29
N ILE B 238 -2.06 -6.50 -13.18
CA ILE B 238 -1.16 -6.31 -14.31
C ILE B 238 0.17 -6.96 -13.95
N GLY B 239 0.64 -7.86 -14.81
CA GLY B 239 1.85 -8.60 -14.52
C GLY B 239 2.96 -8.41 -15.53
N TRP B 240 4.16 -8.08 -15.05
CA TRP B 240 5.32 -7.85 -15.90
C TRP B 240 6.35 -8.94 -15.60
N VAL B 241 6.26 -10.06 -16.31
CA VAL B 241 7.20 -11.16 -16.16
C VAL B 241 7.93 -11.30 -17.49
N CYS B 242 9.15 -10.77 -17.57
CA CYS B 242 9.86 -10.77 -18.83
C CYS B 242 11.35 -11.03 -18.61
N ASP B 243 11.98 -11.56 -19.66
CA ASP B 243 13.37 -11.96 -19.67
C ASP B 243 14.16 -10.94 -20.46
N LEU B 244 15.23 -10.42 -19.85
CA LEU B 244 15.97 -9.30 -20.43
C LEU B 244 17.05 -9.74 -21.40
N ASP B 245 17.25 -11.04 -21.60
CA ASP B 245 18.20 -11.48 -22.60
C ASP B 245 17.65 -11.34 -24.01
N LYS B 246 16.34 -11.39 -24.17
CA LYS B 246 15.71 -11.26 -25.47
C LYS B 246 15.63 -9.79 -25.86
N ALA B 247 14.86 -9.49 -26.90
CA ALA B 247 14.76 -8.12 -27.38
C ALA B 247 14.00 -7.23 -26.41
N TRP B 248 14.18 -5.92 -26.57
CA TRP B 248 13.54 -4.96 -25.69
C TRP B 248 12.02 -4.93 -25.89
N ASP B 249 11.54 -5.29 -27.08
CA ASP B 249 10.13 -5.17 -27.40
C ASP B 249 9.35 -6.45 -27.16
N GLN B 250 9.76 -7.28 -26.20
CA GLN B 250 8.99 -8.45 -25.83
C GLN B 250 8.71 -8.54 -24.34
N CYS B 251 8.94 -7.47 -23.59
CA CYS B 251 8.45 -7.36 -22.23
C CYS B 251 7.04 -6.78 -22.30
N ILE B 252 6.05 -7.55 -21.88
CA ILE B 252 4.65 -7.31 -22.21
C ILE B 252 3.78 -7.43 -20.97
N PRO B 253 2.76 -6.59 -20.80
CA PRO B 253 1.84 -6.75 -19.67
C PRO B 253 0.76 -7.78 -19.94
N LYS B 254 0.30 -8.41 -18.86
CA LYS B 254 -0.80 -9.37 -18.90
C LYS B 254 -1.85 -8.95 -17.89
N TYR B 255 -3.12 -9.04 -18.29
CA TYR B 255 -4.23 -8.60 -17.45
C TYR B 255 -5.02 -9.79 -16.93
N SER B 256 -5.47 -9.69 -15.68
CA SER B 256 -6.31 -10.70 -15.05
C SER B 256 -7.37 -10.00 -14.22
N PHE B 257 -8.49 -10.67 -14.01
CA PHE B 257 -9.62 -10.09 -13.29
C PHE B 257 -10.18 -11.11 -12.29
N THR B 258 -10.69 -10.59 -11.17
CA THR B 258 -11.19 -11.43 -10.09
C THR B 258 -12.05 -10.59 -9.17
N ARG B 259 -12.75 -11.28 -8.27
CA ARG B 259 -13.56 -10.64 -7.23
C ARG B 259 -12.88 -10.86 -5.89
N LEU B 260 -12.79 -9.81 -5.08
CA LEU B 260 -11.96 -9.83 -3.88
C LEU B 260 -12.72 -10.11 -2.60
N ASP B 261 -13.97 -9.67 -2.47
CA ASP B 261 -14.74 -9.88 -1.24
C ASP B 261 -15.64 -11.10 -1.35
N SER B 262 -15.00 -12.26 -1.50
CA SER B 262 -15.73 -13.49 -1.76
C SER B 262 -16.61 -13.93 -0.59
N VAL B 263 -16.39 -13.40 0.62
CA VAL B 263 -17.18 -13.85 1.76
C VAL B 263 -18.58 -13.27 1.72
N SER B 264 -18.77 -12.14 1.03
CA SER B 264 -20.05 -11.46 1.06
C SER B 264 -21.15 -12.29 0.40
N GLU B 265 -20.84 -12.93 -0.73
CA GLU B 265 -21.85 -13.69 -1.43
C GLU B 265 -22.25 -14.95 -0.67
N LYS B 266 -21.33 -15.54 0.08
CA LYS B 266 -21.67 -16.68 0.92
C LYS B 266 -22.48 -16.26 2.14
N SER B 267 -22.08 -15.17 2.79
CA SER B 267 -22.66 -14.77 4.05
C SER B 267 -24.08 -14.24 3.87
N SER B 268 -24.83 -14.23 4.97
CA SER B 268 -26.18 -13.72 4.99
C SER B 268 -26.40 -12.63 6.03
N VAL B 269 -25.37 -12.25 6.77
CA VAL B 269 -25.49 -11.15 7.72
C VAL B 269 -24.94 -9.84 7.16
N SER B 270 -24.11 -9.89 6.12
CA SER B 270 -23.52 -8.69 5.54
C SER B 270 -23.17 -8.99 4.10
N PRO B 271 -24.07 -8.73 3.15
CA PRO B 271 -23.89 -9.21 1.78
C PRO B 271 -23.26 -8.23 0.80
N GLY B 272 -22.96 -6.99 1.16
CA GLY B 272 -22.51 -6.06 0.14
C GLY B 272 -21.45 -5.05 0.53
N TYR B 273 -21.68 -3.79 0.16
CA TYR B 273 -20.74 -2.71 0.44
C TYR B 273 -21.47 -1.38 0.26
N ASN B 274 -21.50 -0.56 1.32
CA ASN B 274 -22.16 0.73 1.24
C ASN B 274 -21.56 1.67 2.28
N PHE B 275 -21.93 2.95 2.18
CA PHE B 275 -21.44 3.97 3.11
C PHE B 275 -22.35 5.19 3.03
N ARG B 276 -22.13 6.13 3.95
CA ARG B 276 -22.88 7.38 4.02
C ARG B 276 -21.96 8.57 3.85
N PHE B 277 -22.47 9.61 3.18
CA PHE B 277 -21.81 10.92 3.16
C PHE B 277 -22.88 11.99 2.99
N ALA B 278 -22.48 13.24 3.18
CA ALA B 278 -23.45 14.34 3.24
C ALA B 278 -22.92 15.57 2.51
N LYS B 279 -23.81 16.51 2.25
CA LYS B 279 -23.50 17.82 1.69
C LYS B 279 -24.07 18.90 2.58
N TYR B 280 -23.30 19.95 2.82
CA TYR B 280 -23.66 20.97 3.79
C TYR B 280 -23.96 22.30 3.12
N TYR B 281 -25.03 22.95 3.55
CA TYR B 281 -25.45 24.25 3.04
C TYR B 281 -25.68 25.19 4.22
N LYS B 282 -26.09 26.42 3.91
CA LYS B 282 -26.36 27.42 4.93
C LYS B 282 -27.29 28.47 4.34
N MET B 283 -28.21 28.97 5.16
CA MET B 283 -29.21 29.92 4.69
C MET B 283 -28.63 31.34 4.68
N GLU B 284 -29.46 32.31 4.31
CA GLU B 284 -29.06 33.70 4.42
C GLU B 284 -28.89 34.09 5.88
N ASN B 285 -29.76 33.59 6.75
CA ASN B 285 -29.52 33.63 8.19
C ASN B 285 -28.41 32.63 8.52
N GLY B 286 -28.09 32.52 9.81
CA GLY B 286 -27.02 31.62 10.19
C GLY B 286 -27.37 30.15 10.22
N SER B 287 -28.64 29.81 9.99
CA SER B 287 -29.09 28.43 10.14
C SER B 287 -28.41 27.52 9.12
N GLU B 288 -28.22 26.26 9.51
CA GLU B 288 -27.49 25.29 8.73
C GLU B 288 -28.33 24.04 8.51
N TYR B 289 -28.23 23.47 7.31
CA TYR B 289 -28.93 22.23 6.98
C TYR B 289 -28.06 21.41 6.03
N ARG B 290 -28.49 20.18 5.75
CA ARG B 290 -27.66 19.26 5.00
C ARG B 290 -28.52 18.25 4.25
N THR B 291 -27.87 17.47 3.39
CA THR B 291 -28.51 16.40 2.63
C THR B 291 -27.70 15.13 2.83
N LEU B 292 -28.36 14.07 3.29
CA LEU B 292 -27.68 12.82 3.63
C LEU B 292 -27.93 11.78 2.55
N LEU B 293 -26.87 11.06 2.17
CA LEU B 293 -26.94 10.06 1.11
C LEU B 293 -26.35 8.75 1.59
N LYS B 294 -27.00 7.64 1.26
CA LYS B 294 -26.48 6.31 1.47
C LYS B 294 -26.26 5.67 0.10
N ALA B 295 -25.04 5.22 -0.17
CA ALA B 295 -24.62 4.87 -1.52
C ALA B 295 -24.13 3.43 -1.59
N PHE B 296 -24.55 2.73 -2.64
CA PHE B 296 -24.07 1.39 -2.96
C PHE B 296 -23.25 1.46 -4.24
N GLY B 297 -22.19 0.68 -4.34
CA GLY B 297 -21.40 0.76 -5.55
C GLY B 297 -20.38 -0.35 -5.65
N ILE B 298 -19.60 -0.28 -6.72
CA ILE B 298 -18.55 -1.25 -7.02
C ILE B 298 -17.21 -0.56 -6.86
N ARG B 299 -16.28 -1.22 -6.17
CA ARG B 299 -14.95 -0.66 -5.93
C ARG B 299 -13.94 -1.40 -6.78
N PHE B 300 -13.13 -0.65 -7.53
CA PHE B 300 -12.05 -1.19 -8.33
C PHE B 300 -10.71 -0.85 -7.70
N ASP B 301 -9.72 -1.70 -7.92
CA ASP B 301 -8.36 -1.38 -7.51
C ASP B 301 -7.37 -2.16 -8.35
N VAL B 302 -6.26 -1.51 -8.69
CA VAL B 302 -5.28 -2.02 -9.65
C VAL B 302 -4.06 -2.51 -8.89
N LEU B 303 -3.62 -3.72 -9.21
CA LEU B 303 -2.53 -4.39 -8.51
C LEU B 303 -1.44 -4.74 -9.52
N VAL B 304 -0.19 -4.42 -9.20
CA VAL B 304 0.92 -4.57 -10.13
C VAL B 304 2.01 -5.41 -9.46
N TYR B 305 2.58 -6.35 -10.22
CA TYR B 305 3.65 -7.20 -9.74
C TYR B 305 4.54 -7.57 -10.92
N GLY B 306 5.68 -8.19 -10.62
CA GLY B 306 6.53 -8.71 -11.67
C GLY B 306 7.93 -8.99 -11.19
N ASN B 307 8.71 -9.60 -12.08
CA ASN B 307 10.12 -9.87 -11.81
C ASN B 307 10.85 -10.05 -13.14
N ALA B 308 12.17 -9.86 -13.09
CA ALA B 308 13.00 -9.95 -14.30
C ALA B 308 14.34 -10.57 -13.96
N GLY B 309 15.00 -11.09 -14.99
CA GLY B 309 16.29 -11.72 -14.82
C GLY B 309 17.21 -11.40 -15.98
N LYS B 310 18.51 -11.50 -15.73
CA LYS B 310 19.52 -11.17 -16.72
C LYS B 310 20.78 -11.97 -16.44
N PHE B 311 21.45 -12.40 -17.52
CA PHE B 311 22.59 -13.30 -17.41
C PHE B 311 23.74 -12.64 -16.67
N ASN B 312 24.48 -13.45 -15.90
CA ASN B 312 25.64 -12.96 -15.16
C ASN B 312 26.68 -14.07 -15.09
N ILE B 313 27.81 -13.76 -14.47
CA ILE B 313 28.95 -14.67 -14.42
C ILE B 313 29.02 -15.40 -13.08
N ILE B 314 28.85 -14.68 -11.98
CA ILE B 314 29.03 -15.28 -10.66
C ILE B 314 28.06 -16.42 -10.39
N PRO B 315 26.75 -16.26 -10.58
CA PRO B 315 25.87 -17.43 -10.37
C PRO B 315 26.18 -18.58 -11.30
N THR B 316 26.61 -18.30 -12.52
CA THR B 316 27.03 -19.36 -13.44
C THR B 316 28.19 -20.15 -12.88
N ILE B 317 29.21 -19.45 -12.38
CA ILE B 317 30.38 -20.11 -11.81
C ILE B 317 29.98 -20.94 -10.61
N ILE B 318 29.16 -20.37 -9.72
CA ILE B 318 28.77 -21.08 -8.51
C ILE B 318 28.00 -22.35 -8.85
N SER B 319 27.05 -22.26 -9.78
CA SER B 319 26.23 -23.42 -10.13
C SER B 319 27.06 -24.48 -10.86
N SER B 320 28.00 -24.04 -11.70
CA SER B 320 28.86 -25.00 -12.39
C SER B 320 29.75 -25.75 -11.41
N VAL B 321 30.33 -25.03 -10.44
CA VAL B 321 31.15 -25.69 -9.43
C VAL B 321 30.31 -26.65 -8.60
N ALA B 322 29.08 -26.25 -8.28
CA ALA B 322 28.18 -27.15 -7.55
C ALA B 322 27.89 -28.40 -8.34
N ALA B 323 27.67 -28.27 -9.66
CA ALA B 323 27.41 -29.44 -10.48
C ALA B 323 28.63 -30.37 -10.52
N PHE B 324 29.82 -29.81 -10.71
CA PHE B 324 31.03 -30.63 -10.74
C PHE B 324 31.24 -31.36 -9.43
N THR B 325 31.10 -30.66 -8.30
CA THR B 325 31.34 -31.31 -7.02
C THR B 325 30.25 -32.33 -6.71
N SER B 326 29.02 -32.09 -7.17
CA SER B 326 27.96 -33.05 -6.96
C SER B 326 28.19 -34.31 -7.78
N VAL B 327 28.78 -34.17 -8.97
CA VAL B 327 29.12 -35.35 -9.75
C VAL B 327 30.18 -36.18 -9.01
N GLY B 328 31.22 -35.51 -8.50
CA GLY B 328 32.27 -36.24 -7.80
C GLY B 328 31.80 -36.88 -6.51
N VAL B 329 31.06 -36.12 -5.70
CA VAL B 329 30.57 -36.66 -4.42
C VAL B 329 29.52 -37.74 -4.66
N GLY B 330 28.64 -37.53 -5.63
CA GLY B 330 27.62 -38.54 -5.92
C GLY B 330 28.23 -39.86 -6.35
N THR B 331 29.36 -39.80 -7.06
CA THR B 331 30.04 -41.03 -7.45
C THR B 331 30.61 -41.77 -6.25
N VAL B 332 31.30 -41.04 -5.37
CA VAL B 332 32.05 -41.67 -4.28
C VAL B 332 31.11 -42.42 -3.34
N LEU B 333 29.99 -41.80 -2.96
CA LEU B 333 29.03 -42.47 -2.10
C LEU B 333 28.42 -43.69 -2.81
N CYS B 334 28.09 -43.55 -4.09
CA CYS B 334 27.54 -44.68 -4.84
C CYS B 334 28.56 -45.81 -4.96
N ASP B 335 29.85 -45.47 -4.90
CA ASP B 335 30.89 -46.50 -4.88
C ASP B 335 30.77 -47.40 -3.65
N ILE B 336 30.65 -46.78 -2.47
CA ILE B 336 30.46 -47.56 -1.25
C ILE B 336 29.09 -48.24 -1.27
N ILE B 337 28.10 -47.60 -1.88
CA ILE B 337 26.75 -48.18 -1.93
C ILE B 337 26.79 -49.52 -2.64
N LEU B 338 27.42 -49.58 -3.82
CA LEU B 338 27.54 -50.86 -4.51
C LEU B 338 28.53 -51.77 -3.81
N LEU B 339 29.51 -51.19 -3.11
CA LEU B 339 30.47 -52.00 -2.36
C LEU B 339 29.77 -52.76 -1.23
N ASN B 340 28.83 -52.12 -0.55
CA ASN B 340 28.04 -52.81 0.47
C ASN B 340 27.06 -53.78 -0.19
N PHE B 341 26.41 -53.34 -1.27
CA PHE B 341 25.45 -54.19 -1.98
C PHE B 341 26.10 -55.48 -2.46
N LEU B 342 27.23 -55.38 -3.15
CA LEU B 342 27.91 -56.55 -3.67
C LEU B 342 28.98 -57.01 -2.68
N THR C 4 35.82 -48.48 15.45
CA THR C 4 35.44 -48.53 14.06
C THR C 4 35.71 -47.20 13.37
N TYR C 5 36.98 -46.96 13.03
CA TYR C 5 37.34 -45.73 12.34
C TYR C 5 36.74 -45.69 10.94
N GLU C 6 36.94 -46.77 10.16
CA GLU C 6 36.44 -46.90 8.79
C GLU C 6 36.97 -45.76 7.91
N THR C 7 38.28 -45.53 8.00
CA THR C 7 38.93 -44.45 7.26
C THR C 7 39.59 -45.01 6.00
N PRO C 8 39.39 -44.38 4.83
CA PRO C 8 40.04 -44.87 3.62
C PRO C 8 41.55 -44.71 3.67
N LYS C 9 42.24 -45.59 2.96
CA LYS C 9 43.69 -45.53 2.88
C LYS C 9 44.13 -44.41 1.93
N VAL C 10 45.28 -43.82 2.23
CA VAL C 10 45.83 -42.72 1.45
C VAL C 10 47.33 -42.91 1.32
N ILE C 11 47.88 -42.44 0.19
CA ILE C 11 49.31 -42.55 -0.09
C ILE C 11 49.86 -41.14 -0.26
N VAL C 12 51.06 -40.91 0.28
CA VAL C 12 51.72 -39.61 0.18
C VAL C 12 52.57 -39.57 -1.08
N VAL C 13 52.71 -38.38 -1.66
CA VAL C 13 53.49 -38.15 -2.87
C VAL C 13 54.45 -37.01 -2.63
N LYS C 14 55.71 -37.21 -3.01
CA LYS C 14 56.69 -36.12 -2.97
C LYS C 14 56.21 -34.98 -3.86
N SER C 15 56.45 -33.74 -3.41
CA SER C 15 55.87 -32.57 -4.05
C SER C 15 56.24 -32.49 -5.53
N TRP C 16 57.52 -32.26 -5.82
CA TRP C 16 58.02 -32.18 -7.20
C TRP C 16 57.09 -31.36 -8.10
N THR C 17 56.65 -30.21 -7.56
CA THR C 17 55.66 -29.31 -8.13
C THR C 17 54.26 -29.92 -8.20
N ILE C 18 53.94 -30.86 -7.32
CA ILE C 18 52.56 -31.29 -7.11
C ILE C 18 52.05 -30.92 -5.72
N GLY C 19 52.92 -31.03 -4.71
CA GLY C 19 52.53 -30.63 -3.37
C GLY C 19 52.21 -29.15 -3.26
N ILE C 20 52.80 -28.34 -4.14
CA ILE C 20 52.45 -26.93 -4.20
C ILE C 20 50.98 -26.75 -4.56
N ILE C 21 50.52 -27.53 -5.54
CA ILE C 21 49.13 -27.42 -5.98
C ILE C 21 48.17 -27.82 -4.86
N ASN C 22 48.60 -28.75 -3.99
CA ASN C 22 47.76 -29.17 -2.88
C ASN C 22 47.49 -28.01 -1.92
N ARG C 23 48.54 -27.34 -1.47
CA ARG C 23 48.37 -26.28 -0.48
C ARG C 23 47.75 -25.02 -1.08
N VAL C 24 48.08 -24.71 -2.33
CA VAL C 24 47.57 -23.50 -2.95
C VAL C 24 46.05 -23.54 -3.07
N VAL C 25 45.52 -24.67 -3.56
CA VAL C 25 44.07 -24.80 -3.68
C VAL C 25 43.43 -24.95 -2.30
N GLN C 26 44.09 -25.68 -1.39
CA GLN C 26 43.58 -25.81 -0.03
C GLN C 26 43.54 -24.46 0.67
N LEU C 27 44.40 -23.52 0.27
CA LEU C 27 44.41 -22.19 0.83
C LEU C 27 43.53 -21.21 0.04
N LEU C 28 43.25 -21.50 -1.22
CA LEU C 28 42.38 -20.61 -2.00
C LEU C 28 40.95 -20.66 -1.49
N ILE C 29 40.44 -21.86 -1.21
CA ILE C 29 39.03 -21.98 -0.81
C ILE C 29 38.82 -21.46 0.60
N ILE C 30 39.80 -21.64 1.50
CA ILE C 30 39.66 -21.11 2.85
C ILE C 30 39.73 -19.59 2.82
N SER C 31 40.29 -19.00 1.75
CA SER C 31 40.25 -17.56 1.59
C SER C 31 38.86 -17.09 1.21
N TYR C 32 38.16 -17.86 0.38
CA TYR C 32 36.87 -17.42 -0.15
C TYR C 32 35.82 -17.33 0.96
N PHE C 33 35.82 -18.26 1.90
CA PHE C 33 34.85 -18.21 2.99
C PHE C 33 35.11 -17.04 3.92
N VAL C 34 36.36 -16.82 4.31
CA VAL C 34 36.67 -15.73 5.22
C VAL C 34 36.50 -14.39 4.51
N GLY C 35 37.01 -14.29 3.28
CA GLY C 35 36.96 -13.02 2.58
C GLY C 35 35.55 -12.61 2.15
N TRP C 36 34.76 -13.56 1.67
CA TRP C 36 33.48 -13.25 1.04
C TRP C 36 32.29 -13.68 1.86
N VAL C 37 32.25 -14.94 2.31
CA VAL C 37 31.07 -15.45 2.99
C VAL C 37 30.90 -14.78 4.35
N PHE C 38 31.98 -14.66 5.12
CA PHE C 38 31.88 -14.14 6.47
C PHE C 38 32.06 -12.62 6.52
N LEU C 39 33.22 -12.13 6.07
CA LEU C 39 33.59 -10.75 6.36
C LEU C 39 32.79 -9.75 5.52
N HIS C 40 32.41 -10.12 4.31
CA HIS C 40 31.69 -9.20 3.43
C HIS C 40 30.19 -9.44 3.41
N GLU C 41 29.76 -10.69 3.22
CA GLU C 41 28.34 -10.99 3.16
C GLU C 41 27.70 -11.06 4.53
N LYS C 42 28.48 -11.12 5.61
CA LYS C 42 27.98 -11.15 6.98
C LYS C 42 26.99 -12.30 7.18
N ALA C 43 27.51 -13.52 7.04
CA ALA C 43 26.73 -14.73 7.21
C ALA C 43 26.64 -15.16 8.66
N TYR C 44 27.16 -14.37 9.59
CA TYR C 44 27.16 -14.71 11.00
C TYR C 44 26.10 -13.97 11.78
N GLN C 45 25.06 -13.45 11.13
CA GLN C 45 24.05 -12.69 11.83
C GLN C 45 22.69 -12.93 11.19
N VAL C 46 21.64 -12.68 11.95
CA VAL C 46 20.27 -12.90 11.53
C VAL C 46 19.71 -11.60 10.96
N ARG C 47 19.04 -11.70 9.81
CA ARG C 47 18.52 -10.54 9.12
C ARG C 47 17.01 -10.43 9.29
N ASP C 48 16.51 -9.20 9.20
CA ASP C 48 15.10 -8.90 9.30
C ASP C 48 14.74 -7.87 8.24
N THR C 49 13.65 -8.10 7.51
CA THR C 49 13.24 -7.20 6.45
C THR C 49 11.81 -6.68 6.59
N ALA C 50 11.02 -7.20 7.51
CA ALA C 50 9.67 -6.69 7.73
C ALA C 50 9.73 -5.50 8.66
N ILE C 51 9.35 -4.32 8.15
CA ILE C 51 9.48 -3.07 8.89
C ILE C 51 8.10 -2.43 9.01
N GLU C 52 7.82 -1.91 10.20
CA GLU C 52 6.57 -1.21 10.48
C GLU C 52 6.83 0.30 10.45
N SER C 53 6.06 1.02 9.66
CA SER C 53 6.34 2.42 9.40
C SER C 53 5.08 3.27 9.57
N SER C 54 5.28 4.58 9.48
CA SER C 54 4.21 5.58 9.65
C SER C 54 4.73 6.93 9.16
N VAL C 55 3.91 7.64 8.40
CA VAL C 55 4.30 8.92 7.80
C VAL C 55 3.19 9.94 8.01
N VAL C 56 3.58 11.14 8.43
CA VAL C 56 2.66 12.27 8.62
C VAL C 56 3.30 13.50 7.97
N THR C 57 2.53 14.21 7.14
CA THR C 57 3.06 15.33 6.37
C THR C 57 2.24 16.59 6.59
N LYS C 58 2.83 17.73 6.25
CA LYS C 58 2.19 19.04 6.39
C LYS C 58 2.88 20.02 5.44
N VAL C 59 2.09 20.87 4.80
CA VAL C 59 2.58 21.81 3.78
C VAL C 59 2.25 23.23 4.20
N LYS C 60 3.12 24.17 3.86
CA LYS C 60 2.94 25.57 4.21
C LYS C 60 3.29 26.46 3.02
N GLY C 61 2.69 27.65 3.00
CA GLY C 61 2.95 28.61 1.95
C GLY C 61 1.70 29.24 1.38
N SER C 62 1.82 30.43 0.79
CA SER C 62 0.68 31.12 0.19
C SER C 62 1.07 31.69 -1.17
N GLY C 63 0.08 31.85 -2.04
CA GLY C 63 0.31 32.36 -3.37
C GLY C 63 -0.89 33.14 -3.88
N LEU C 64 -0.66 33.86 -4.96
CA LEU C 64 -1.69 34.69 -5.58
C LEU C 64 -2.01 34.15 -6.97
N TYR C 65 -3.30 33.91 -7.23
CA TYR C 65 -3.72 33.29 -8.48
C TYR C 65 -5.10 33.79 -8.85
N ALA C 66 -5.19 34.51 -9.98
CA ALA C 66 -6.46 35.01 -10.51
C ALA C 66 -7.13 35.99 -9.54
N ASN C 67 -6.36 36.99 -9.11
CA ASN C 67 -6.85 38.05 -8.21
C ASN C 67 -7.39 37.48 -6.90
N ARG C 68 -6.75 36.44 -6.40
CA ARG C 68 -7.13 35.84 -5.13
C ARG C 68 -5.88 35.31 -4.45
N VAL C 69 -5.98 35.12 -3.14
CA VAL C 69 -4.92 34.52 -2.35
C VAL C 69 -5.35 33.12 -1.97
N MET C 70 -4.47 32.15 -2.18
CA MET C 70 -4.77 30.74 -1.95
C MET C 70 -3.82 30.18 -0.90
N ASP C 71 -4.37 29.54 0.12
CA ASP C 71 -3.56 28.92 1.16
C ASP C 71 -3.78 27.41 1.14
N VAL C 72 -3.23 26.72 2.15
CA VAL C 72 -3.07 25.28 2.09
C VAL C 72 -4.41 24.56 1.95
N SER C 73 -5.48 25.15 2.44
CA SER C 73 -6.79 24.52 2.31
C SER C 73 -7.35 24.63 0.90
N ASP C 74 -6.69 25.36 0.01
CA ASP C 74 -7.16 25.54 -1.35
C ASP C 74 -6.44 24.67 -2.38
N TYR C 75 -5.14 24.39 -2.17
CA TYR C 75 -4.35 23.75 -3.22
C TYR C 75 -3.78 22.39 -2.83
N VAL C 76 -4.21 21.80 -1.72
CA VAL C 76 -3.77 20.47 -1.31
C VAL C 76 -4.99 19.58 -1.18
N THR C 77 -4.98 18.43 -1.88
CA THR C 77 -6.05 17.45 -1.83
C THR C 77 -5.42 16.07 -1.84
N PRO C 78 -5.82 15.15 -0.95
CA PRO C 78 -6.74 15.28 0.18
C PRO C 78 -6.08 15.93 1.40
N PRO C 79 -6.87 16.49 2.31
CA PRO C 79 -6.31 17.28 3.41
C PRO C 79 -5.80 16.48 4.60
N GLN C 80 -5.94 15.16 4.62
CA GLN C 80 -5.73 14.42 5.86
C GLN C 80 -4.27 14.26 6.25
N GLY C 81 -3.33 14.75 5.45
CA GLY C 81 -1.92 14.63 5.80
C GLY C 81 -1.38 13.22 5.78
N THR C 82 -1.72 12.45 4.75
CA THR C 82 -1.20 11.11 4.58
C THR C 82 0.08 11.17 3.75
N SER C 83 0.53 10.01 3.26
CA SER C 83 1.79 9.93 2.53
C SER C 83 1.63 10.09 1.03
N VAL C 84 0.43 10.41 0.54
CA VAL C 84 0.19 10.73 -0.86
C VAL C 84 -0.67 11.98 -0.92
N PHE C 85 -0.23 12.98 -1.68
CA PHE C 85 -0.97 14.24 -1.77
C PHE C 85 -0.59 14.94 -3.06
N VAL C 86 -1.41 15.93 -3.43
CA VAL C 86 -1.27 16.66 -4.69
C VAL C 86 -1.20 18.15 -4.40
N ILE C 87 -0.37 18.86 -5.16
CA ILE C 87 -0.28 20.31 -5.09
C ILE C 87 -0.72 20.86 -6.45
N ILE C 88 -1.76 21.69 -6.44
CA ILE C 88 -2.37 22.18 -7.67
C ILE C 88 -1.65 23.43 -8.13
N THR C 89 -1.27 23.48 -9.41
CA THR C 89 -0.53 24.60 -9.96
C THR C 89 -1.21 25.29 -11.14
N LYS C 90 -2.38 24.81 -11.57
CA LYS C 90 -3.05 25.38 -12.74
C LYS C 90 -4.48 24.89 -12.76
N MET C 91 -5.42 25.79 -13.09
CA MET C 91 -6.83 25.43 -13.10
C MET C 91 -7.56 26.10 -14.26
N ILE C 92 -8.62 25.45 -14.71
CA ILE C 92 -9.60 26.01 -15.64
C ILE C 92 -10.95 25.95 -14.97
N VAL C 93 -11.66 27.08 -14.93
CA VAL C 93 -12.81 27.25 -14.05
C VAL C 93 -14.04 27.56 -14.90
N THR C 94 -15.14 26.84 -14.63
CA THR C 94 -16.45 27.10 -15.22
C THR C 94 -17.44 27.38 -14.10
N GLU C 95 -18.18 28.47 -14.22
CA GLU C 95 -18.97 29.00 -13.12
C GLU C 95 -20.45 28.89 -13.38
N ASN C 96 -21.20 28.58 -12.33
CA ASN C 96 -22.67 28.64 -12.31
C ASN C 96 -23.28 27.71 -13.38
N GLN C 97 -23.05 26.42 -13.20
CA GLN C 97 -23.66 25.42 -14.06
C GLN C 97 -24.99 24.97 -13.47
N MET C 98 -26.00 24.82 -14.33
CA MET C 98 -27.32 24.38 -13.93
C MET C 98 -27.83 23.36 -14.94
N GLN C 99 -28.84 22.62 -14.54
CA GLN C 99 -29.41 21.60 -15.42
C GLN C 99 -30.26 22.24 -16.50
N GLY C 100 -30.18 21.68 -17.71
CA GLY C 100 -30.94 22.21 -18.82
C GLY C 100 -30.44 21.67 -20.14
N PHE C 101 -30.77 22.40 -21.22
CA PHE C 101 -30.38 22.04 -22.58
C PHE C 101 -29.46 23.12 -23.12
N CYS C 102 -28.36 22.71 -23.75
CA CYS C 102 -27.38 23.65 -24.28
C CYS C 102 -26.63 22.97 -25.42
N PRO C 103 -26.06 23.74 -26.34
CA PRO C 103 -25.28 23.14 -27.42
C PRO C 103 -23.87 22.79 -26.99
N GLU C 104 -23.37 21.68 -27.53
CA GLU C 104 -22.00 21.25 -27.26
C GLU C 104 -21.02 22.20 -27.93
N SER C 105 -19.83 22.32 -27.33
CA SER C 105 -18.87 23.35 -27.75
C SER C 105 -17.69 22.81 -28.53
N GLU C 106 -17.35 21.53 -28.39
CA GLU C 106 -16.16 21.00 -29.03
C GLU C 106 -16.35 20.90 -30.54
N GLU C 107 -15.22 20.88 -31.26
CA GLU C 107 -15.25 20.74 -32.71
C GLU C 107 -15.65 19.35 -33.15
N LYS C 108 -15.49 18.35 -32.29
CA LYS C 108 -15.79 16.96 -32.64
C LYS C 108 -17.27 16.75 -32.93
N TYR C 109 -18.15 17.59 -32.38
CA TYR C 109 -19.59 17.38 -32.45
C TYR C 109 -20.27 18.23 -33.52
N ARG C 110 -19.60 18.47 -34.64
CA ARG C 110 -20.17 19.31 -35.68
C ARG C 110 -21.29 18.59 -36.42
N CYS C 111 -22.36 19.32 -36.73
CA CYS C 111 -23.45 18.81 -37.55
C CYS C 111 -23.95 19.91 -38.46
N VAL C 112 -24.60 19.51 -39.55
CA VAL C 112 -25.28 20.44 -40.45
C VAL C 112 -26.78 20.19 -40.48
N SER C 113 -27.22 18.94 -40.34
CA SER C 113 -28.64 18.61 -40.31
C SER C 113 -28.91 17.67 -39.15
N ASP C 114 -30.18 17.37 -38.90
CA ASP C 114 -30.55 16.59 -37.72
C ASP C 114 -30.22 15.11 -37.86
N SER C 115 -29.90 14.64 -39.07
CA SER C 115 -29.81 13.20 -39.29
C SER C 115 -28.53 12.58 -38.75
N GLN C 116 -27.41 13.34 -38.72
CA GLN C 116 -26.13 12.73 -38.41
C GLN C 116 -26.06 12.24 -36.97
N CYS C 117 -26.58 13.00 -36.01
CA CYS C 117 -26.41 12.65 -34.61
C CYS C 117 -27.76 12.26 -34.01
N GLY C 118 -27.93 10.97 -33.77
CA GLY C 118 -29.06 10.44 -33.06
C GLY C 118 -28.58 9.44 -32.01
N PRO C 119 -29.08 8.21 -32.07
CA PRO C 119 -28.57 7.16 -31.18
C PRO C 119 -27.09 6.83 -31.42
N GLU C 120 -26.53 7.19 -32.56
CA GLU C 120 -25.11 6.99 -32.82
C GLU C 120 -24.31 8.08 -32.10
N ARG C 121 -22.99 8.07 -32.33
CA ARG C 121 -22.04 8.92 -31.60
C ARG C 121 -22.12 8.67 -30.10
N LEU C 122 -22.55 7.47 -29.72
CA LEU C 122 -22.81 7.18 -28.31
C LEU C 122 -21.62 7.36 -27.38
N PRO C 123 -20.40 6.92 -27.70
CA PRO C 123 -19.29 7.10 -26.76
C PRO C 123 -19.09 8.57 -26.40
N GLY C 124 -19.05 8.83 -25.09
CA GLY C 124 -18.92 10.20 -24.60
C GLY C 124 -20.19 10.99 -24.81
N GLY C 125 -20.17 12.22 -24.29
CA GLY C 125 -21.30 13.11 -24.45
C GLY C 125 -22.48 12.75 -23.57
N GLY C 126 -23.22 13.76 -23.15
CA GLY C 126 -24.43 13.54 -22.39
C GLY C 126 -25.52 12.93 -23.25
N ILE C 127 -26.74 12.94 -22.70
CA ILE C 127 -27.87 12.45 -23.45
C ILE C 127 -28.15 13.39 -24.60
N LEU C 128 -28.24 12.85 -25.81
CA LEU C 128 -28.48 13.65 -27.01
C LEU C 128 -29.96 13.78 -27.26
N THR C 129 -30.45 15.01 -27.42
CA THR C 129 -31.86 15.22 -27.68
C THR C 129 -32.22 14.85 -29.11
N GLY C 130 -31.35 15.19 -30.07
CA GLY C 130 -31.60 14.83 -31.45
C GLY C 130 -31.84 16.02 -32.36
N ARG C 131 -31.20 17.15 -32.06
CA ARG C 131 -31.35 18.36 -32.84
C ARG C 131 -29.98 18.97 -33.09
N CYS C 132 -29.89 19.77 -34.16
CA CYS C 132 -28.69 20.51 -34.51
C CYS C 132 -28.98 21.99 -34.35
N VAL C 133 -28.19 22.67 -33.53
CA VAL C 133 -28.43 24.07 -33.18
C VAL C 133 -27.13 24.85 -33.36
N ASN C 134 -27.25 26.18 -33.29
CA ASN C 134 -26.14 27.09 -33.55
C ASN C 134 -25.38 27.34 -32.25
N TYR C 135 -24.13 26.89 -32.19
CA TYR C 135 -23.26 27.26 -31.08
C TYR C 135 -22.79 28.69 -31.22
N SER C 136 -22.43 29.10 -32.42
CA SER C 136 -21.97 30.45 -32.70
C SER C 136 -22.37 30.81 -34.13
N SER C 137 -21.76 31.88 -34.66
CA SER C 137 -22.09 32.31 -36.01
C SER C 137 -21.65 31.30 -37.05
N VAL C 138 -20.50 30.66 -36.84
CA VAL C 138 -19.87 29.83 -37.86
C VAL C 138 -19.82 28.36 -37.49
N LEU C 139 -20.37 27.97 -36.34
CA LEU C 139 -20.31 26.59 -35.90
C LEU C 139 -21.70 26.11 -35.49
N ARG C 140 -22.02 24.86 -35.81
CA ARG C 140 -23.27 24.24 -35.42
C ARG C 140 -22.98 22.84 -34.87
N THR C 141 -23.52 22.54 -33.69
CA THR C 141 -23.26 21.30 -33.00
C THR C 141 -24.56 20.70 -32.49
N CYS C 142 -24.48 19.45 -32.06
CA CYS C 142 -25.65 18.73 -31.57
C CYS C 142 -25.99 19.13 -30.13
N GLU C 143 -27.28 19.22 -29.85
CA GLU C 143 -27.75 19.63 -28.53
C GLU C 143 -27.71 18.45 -27.56
N ILE C 144 -27.36 18.75 -26.31
CA ILE C 144 -27.27 17.74 -25.26
C ILE C 144 -28.12 18.17 -24.08
N GLN C 145 -28.25 17.28 -23.11
CA GLN C 145 -28.94 17.54 -21.86
C GLN C 145 -28.01 17.23 -20.70
N GLY C 146 -27.89 18.17 -19.78
CA GLY C 146 -26.96 17.99 -18.66
C GLY C 146 -26.70 19.29 -17.96
N TRP C 147 -25.51 19.40 -17.37
CA TRP C 147 -25.08 20.65 -16.76
C TRP C 147 -24.67 21.63 -17.85
N CYS C 148 -25.20 22.85 -17.76
CA CYS C 148 -25.00 23.84 -18.82
C CYS C 148 -24.61 25.18 -18.22
N PRO C 149 -23.73 25.94 -18.89
CA PRO C 149 -23.04 25.66 -20.14
C PRO C 149 -21.85 24.73 -20.02
N THR C 150 -21.45 24.11 -21.12
CA THR C 150 -20.33 23.18 -21.12
C THR C 150 -19.01 23.94 -21.05
N GLU C 151 -17.95 23.23 -20.67
CA GLU C 151 -16.67 23.87 -20.47
C GLU C 151 -15.86 23.93 -21.76
N VAL C 152 -14.91 24.86 -21.78
CA VAL C 152 -14.01 25.06 -22.91
C VAL C 152 -12.60 24.95 -22.37
N ASP C 153 -11.89 23.88 -22.73
CA ASP C 153 -10.57 23.62 -22.18
C ASP C 153 -9.45 23.83 -23.19
N THR C 154 -9.70 24.54 -24.28
CA THR C 154 -8.67 24.79 -25.28
C THR C 154 -7.93 26.10 -25.07
N VAL C 155 -8.44 26.99 -24.21
CA VAL C 155 -7.80 28.27 -23.96
C VAL C 155 -6.53 28.06 -23.14
N GLU C 156 -5.71 29.09 -23.03
CA GLU C 156 -4.44 29.02 -22.32
C GLU C 156 -4.51 29.86 -21.05
N THR C 157 -4.05 29.28 -19.95
CA THR C 157 -4.11 29.91 -18.64
C THR C 157 -2.72 29.93 -18.00
N PRO C 158 -2.44 30.90 -17.15
CA PRO C 158 -1.13 30.98 -16.50
C PRO C 158 -1.03 29.99 -15.34
N ILE C 159 0.21 29.81 -14.88
CA ILE C 159 0.49 28.91 -13.78
C ILE C 159 0.87 29.72 -12.55
N MET C 160 0.80 29.08 -11.39
CA MET C 160 1.08 29.72 -10.11
C MET C 160 2.58 29.59 -9.84
N MET C 161 3.33 30.66 -10.09
CA MET C 161 4.78 30.61 -9.99
C MET C 161 5.28 30.59 -8.56
N GLU C 162 4.47 31.05 -7.60
CA GLU C 162 4.91 31.07 -6.21
C GLU C 162 5.05 29.68 -5.62
N ALA C 163 4.49 28.65 -6.26
CA ALA C 163 4.53 27.31 -5.70
C ALA C 163 5.94 26.74 -5.62
N GLU C 164 6.92 27.42 -6.17
CA GLU C 164 8.30 26.97 -6.09
C GLU C 164 8.88 27.08 -4.69
N ASN C 165 8.29 27.91 -3.84
CA ASN C 165 8.85 28.20 -2.52
C ASN C 165 8.10 27.51 -1.38
N PHE C 166 7.11 26.68 -1.67
CA PHE C 166 6.39 26.00 -0.61
C PHE C 166 7.31 24.96 0.04
N THR C 167 7.00 24.60 1.29
CA THR C 167 7.83 23.69 2.06
C THR C 167 7.01 22.49 2.51
N ILE C 168 7.68 21.34 2.65
CA ILE C 168 7.06 20.09 3.05
C ILE C 168 7.76 19.59 4.30
N PHE C 169 6.99 19.10 5.27
CA PHE C 169 7.51 18.62 6.54
C PHE C 169 7.10 17.16 6.70
N ILE C 170 8.08 16.28 6.88
CA ILE C 170 7.86 14.83 6.92
C ILE C 170 8.27 14.30 8.28
N LYS C 171 7.41 13.51 8.89
CA LYS C 171 7.67 12.91 10.20
C LYS C 171 7.46 11.41 10.08
N ASN C 172 8.50 10.63 10.39
CA ASN C 172 8.53 9.21 10.10
C ASN C 172 8.99 8.42 11.32
N SER C 173 8.42 7.22 11.48
CA SER C 173 8.76 6.32 12.59
C SER C 173 8.84 4.90 12.08
N ILE C 174 9.84 4.15 12.56
CA ILE C 174 10.03 2.77 12.14
C ILE C 174 10.12 1.88 13.37
N ARG C 175 10.08 0.56 13.13
CA ARG C 175 10.27 -0.42 14.18
C ARG C 175 10.59 -1.76 13.54
N PHE C 176 11.64 -2.42 14.02
CA PHE C 176 11.97 -3.77 13.61
C PHE C 176 11.43 -4.72 14.67
N PRO C 177 10.39 -5.51 14.40
CA PRO C 177 9.76 -6.28 15.47
C PRO C 177 10.63 -7.39 16.02
N LEU C 178 11.58 -7.91 15.24
CA LEU C 178 12.37 -9.04 15.70
C LEU C 178 13.30 -8.66 16.85
N PHE C 179 13.89 -7.47 16.79
CA PHE C 179 14.85 -7.03 17.80
C PHE C 179 14.28 -6.01 18.77
N ASN C 180 13.03 -5.59 18.59
CA ASN C 180 12.41 -4.53 19.40
C ASN C 180 13.25 -3.26 19.35
N PHE C 181 13.41 -2.73 18.14
CA PHE C 181 14.22 -1.55 17.89
C PHE C 181 13.34 -0.47 17.29
N GLU C 182 13.37 0.72 17.87
CA GLU C 182 12.52 1.82 17.43
C GLU C 182 13.33 3.10 17.30
N LYS C 183 13.09 3.83 16.21
CA LYS C 183 13.73 5.10 15.99
C LYS C 183 12.89 5.93 15.03
N GLY C 184 13.10 7.25 15.06
CA GLY C 184 12.43 8.16 14.16
C GLY C 184 13.43 9.09 13.50
N ASN C 185 12.95 9.81 12.49
CA ASN C 185 13.82 10.69 11.73
C ASN C 185 13.95 12.08 12.32
N LEU C 186 13.36 12.33 13.48
CA LEU C 186 13.58 13.56 14.24
C LEU C 186 14.63 13.24 15.29
N LEU C 187 15.87 13.60 15.02
CA LEU C 187 16.98 13.21 15.88
C LEU C 187 16.92 13.98 17.19
N PRO C 188 17.52 13.43 18.26
CA PRO C 188 17.49 14.12 19.56
C PRO C 188 18.28 15.41 19.59
N ASN C 189 19.05 15.72 18.55
CA ASN C 189 19.83 16.95 18.49
C ASN C 189 19.05 18.10 17.89
N LEU C 190 17.77 17.91 17.59
CA LEU C 190 16.96 18.92 16.93
C LEU C 190 16.21 19.75 17.97
N THR C 191 16.39 21.06 17.89
CA THR C 191 15.79 21.98 18.84
C THR C 191 14.67 22.77 18.18
N ALA C 192 13.85 23.41 19.01
CA ALA C 192 12.75 24.22 18.48
C ALA C 192 13.24 25.41 17.69
N ARG C 193 14.45 25.90 18.00
CA ARG C 193 14.99 27.04 17.29
C ARG C 193 15.52 26.65 15.90
N ASP C 194 16.01 25.43 15.76
CA ASP C 194 16.56 25.00 14.48
C ASP C 194 15.49 24.93 13.40
N MET C 195 14.29 24.47 13.74
CA MET C 195 13.26 24.31 12.72
C MET C 195 12.73 25.62 12.20
N LYS C 196 13.10 26.75 12.81
CA LYS C 196 12.65 28.03 12.28
C LYS C 196 13.38 28.44 11.00
N THR C 197 14.56 27.87 10.74
CA THR C 197 15.34 28.30 9.58
C THR C 197 15.97 27.19 8.75
N CYS C 198 16.04 25.95 9.21
CA CYS C 198 16.78 24.93 8.48
C CYS C 198 16.04 24.50 7.22
N ARG C 199 16.82 24.11 6.21
CA ARG C 199 16.33 23.46 5.00
C ARG C 199 17.23 22.27 4.69
N PHE C 200 16.65 21.29 4.00
CA PHE C 200 17.40 20.09 3.65
C PHE C 200 18.42 20.39 2.57
N HIS C 201 19.63 19.87 2.72
CA HIS C 201 20.65 19.88 1.69
C HIS C 201 21.42 18.58 1.84
N PRO C 202 21.71 17.89 0.73
CA PRO C 202 22.23 16.52 0.84
C PRO C 202 23.62 16.41 1.44
N ASP C 203 24.38 17.51 1.54
CA ASP C 203 25.72 17.40 2.13
C ASP C 203 25.96 18.42 3.23
N LYS C 204 25.34 19.59 3.14
CA LYS C 204 25.54 20.62 4.15
C LYS C 204 24.60 20.48 5.34
N ASP C 205 23.49 19.77 5.20
CA ASP C 205 22.49 19.63 6.26
C ASP C 205 21.62 18.42 5.99
N PRO C 206 22.12 17.20 6.18
CA PRO C 206 21.41 16.01 5.70
C PRO C 206 20.29 15.52 6.60
N PHE C 207 19.86 16.28 7.61
CA PHE C 207 18.91 15.75 8.57
C PHE C 207 17.73 16.66 8.89
N CYS C 208 17.70 17.90 8.39
CA CYS C 208 16.56 18.77 8.65
C CYS C 208 15.35 18.26 7.89
N PRO C 209 14.20 18.08 8.54
CA PRO C 209 13.05 17.45 7.88
C PRO C 209 12.26 18.36 6.95
N ILE C 210 12.66 19.60 6.76
CA ILE C 210 11.90 20.54 5.94
C ILE C 210 12.51 20.56 4.54
N LEU C 211 11.69 20.23 3.54
CA LEU C 211 12.11 20.21 2.16
C LEU C 211 11.41 21.32 1.39
N ARG C 212 12.16 22.00 0.53
CA ARG C 212 11.60 23.03 -0.32
C ARG C 212 11.16 22.41 -1.65
N VAL C 213 9.98 22.82 -2.12
CA VAL C 213 9.37 22.17 -3.28
C VAL C 213 10.25 22.34 -4.51
N GLY C 214 10.82 23.54 -4.70
CA GLY C 214 11.63 23.78 -5.87
C GLY C 214 12.90 22.95 -5.91
N ASP C 215 13.39 22.53 -4.76
CA ASP C 215 14.60 21.70 -4.70
C ASP C 215 14.30 20.24 -5.01
N VAL C 216 13.14 19.74 -4.59
CA VAL C 216 12.79 18.36 -4.86
C VAL C 216 12.66 18.12 -6.35
N VAL C 217 12.07 19.08 -7.07
CA VAL C 217 12.01 18.99 -8.52
C VAL C 217 13.42 19.03 -9.11
N LYS C 218 14.31 19.78 -8.47
CA LYS C 218 15.67 19.94 -8.99
C LYS C 218 16.48 18.65 -8.82
N PHE C 219 16.36 18.00 -7.66
CA PHE C 219 17.12 16.78 -7.40
C PHE C 219 16.67 15.61 -8.25
N ALA C 220 15.49 15.67 -8.83
CA ALA C 220 14.99 14.61 -9.70
C ALA C 220 15.32 14.84 -11.16
N GLY C 221 16.05 15.90 -11.48
CA GLY C 221 16.42 16.18 -12.85
C GLY C 221 15.29 16.65 -13.74
N GLN C 222 14.44 17.53 -13.23
CA GLN C 222 13.31 18.05 -14.00
C GLN C 222 13.40 19.58 -14.06
N ASP C 223 12.41 20.17 -14.73
CA ASP C 223 12.34 21.61 -14.92
C ASP C 223 10.98 22.08 -14.45
N PHE C 224 10.95 23.05 -13.54
CA PHE C 224 9.69 23.41 -12.88
C PHE C 224 8.73 24.08 -13.85
N ALA C 225 9.22 24.97 -14.71
CA ALA C 225 8.33 25.72 -15.59
C ALA C 225 7.63 24.83 -16.60
N LYS C 226 8.09 23.59 -16.78
CA LYS C 226 7.46 22.65 -17.69
C LYS C 226 6.68 21.56 -16.99
N LEU C 227 7.14 21.11 -15.83
CA LEU C 227 6.39 20.13 -15.05
C LEU C 227 5.12 20.74 -14.48
N ALA C 228 5.13 22.04 -14.17
CA ALA C 228 3.97 22.69 -13.59
C ALA C 228 2.86 22.92 -14.61
N ARG C 229 3.17 22.81 -15.90
CA ARG C 229 2.20 23.10 -16.94
C ARG C 229 1.47 21.86 -17.43
N THR C 230 2.04 20.68 -17.23
CA THR C 230 1.39 19.43 -17.62
C THR C 230 1.13 18.49 -16.45
N GLY C 231 1.87 18.60 -15.35
CA GLY C 231 1.69 17.70 -14.23
C GLY C 231 2.63 16.51 -14.29
N GLY C 232 2.77 15.84 -13.15
CA GLY C 232 3.64 14.69 -13.08
C GLY C 232 3.56 14.04 -11.73
N VAL C 233 4.36 12.99 -11.55
CA VAL C 233 4.42 12.24 -10.31
C VAL C 233 5.87 12.12 -9.88
N LEU C 234 6.18 12.55 -8.66
CA LEU C 234 7.52 12.48 -8.11
C LEU C 234 7.52 11.59 -6.88
N GLY C 235 8.66 10.95 -6.63
CA GLY C 235 8.79 10.02 -5.51
C GLY C 235 9.89 10.45 -4.56
N ILE C 236 9.65 10.24 -3.27
CA ILE C 236 10.62 10.49 -2.21
C ILE C 236 10.82 9.18 -1.46
N LYS C 237 12.06 8.75 -1.31
CA LYS C 237 12.37 7.47 -0.70
C LYS C 237 13.25 7.66 0.52
N ILE C 238 12.94 6.92 1.59
CA ILE C 238 13.69 6.95 2.83
C ILE C 238 14.15 5.54 3.15
N GLY C 239 15.45 5.38 3.40
CA GLY C 239 16.01 4.06 3.60
C GLY C 239 16.73 3.88 4.91
N TRP C 240 16.42 2.81 5.63
CA TRP C 240 17.02 2.50 6.93
C TRP C 240 17.81 1.20 6.79
N VAL C 241 19.09 1.31 6.47
CA VAL C 241 19.99 0.16 6.42
C VAL C 241 20.92 0.27 7.61
N CYS C 242 20.71 -0.57 8.62
CA CYS C 242 21.39 -0.40 9.90
C CYS C 242 21.98 -1.73 10.36
N ASP C 243 23.16 -1.63 10.98
CA ASP C 243 23.86 -2.77 11.58
C ASP C 243 23.80 -2.59 13.08
N LEU C 244 23.12 -3.49 13.76
CA LEU C 244 22.77 -3.27 15.16
C LEU C 244 23.90 -3.61 16.12
N ASP C 245 25.05 -4.07 15.64
CA ASP C 245 26.17 -4.31 16.52
C ASP C 245 26.87 -3.03 16.93
N LYS C 246 26.97 -2.06 16.01
CA LYS C 246 27.82 -0.89 16.22
C LYS C 246 27.38 -0.01 17.37
N ALA C 247 26.22 0.63 17.26
CA ALA C 247 25.76 1.59 18.26
C ALA C 247 24.35 2.03 17.90
N TRP C 248 23.70 2.68 18.86
CA TRP C 248 22.33 3.15 18.64
C TRP C 248 22.28 4.41 17.78
N ASP C 249 23.34 5.22 17.79
CA ASP C 249 23.33 6.50 17.07
C ASP C 249 24.03 6.41 15.72
N GLN C 250 24.30 5.21 15.24
CA GLN C 250 24.80 5.03 13.88
C GLN C 250 23.71 4.67 12.90
N CYS C 251 22.47 4.49 13.38
CA CYS C 251 21.33 4.20 12.52
C CYS C 251 20.71 5.51 12.05
N ILE C 252 20.86 5.82 10.76
CA ILE C 252 20.40 7.10 10.22
C ILE C 252 19.70 6.86 8.89
N PRO C 253 18.80 7.75 8.51
CA PRO C 253 18.10 7.62 7.22
C PRO C 253 18.85 8.27 6.06
N LYS C 254 18.51 7.81 4.86
CA LYS C 254 19.04 8.36 3.62
C LYS C 254 17.90 8.65 2.66
N TYR C 255 17.97 9.81 2.01
CA TYR C 255 16.91 10.28 1.13
C TYR C 255 17.33 10.15 -0.34
N SER C 256 16.36 9.80 -1.19
CA SER C 256 16.57 9.73 -2.63
C SER C 256 15.34 10.30 -3.33
N PHE C 257 15.54 10.79 -4.55
CA PHE C 257 14.47 11.41 -5.31
C PHE C 257 14.47 10.91 -6.74
N THR C 258 13.28 10.83 -7.34
CA THR C 258 13.12 10.31 -8.69
C THR C 258 11.75 10.71 -9.22
N ARG C 259 11.56 10.50 -10.52
CA ARG C 259 10.28 10.73 -11.18
C ARG C 259 9.67 9.38 -11.55
N LEU C 260 8.39 9.19 -11.25
CA LEU C 260 7.76 7.88 -11.33
C LEU C 260 7.01 7.63 -12.63
N ASP C 261 6.40 8.64 -13.23
CA ASP C 261 5.62 8.43 -14.46
C ASP C 261 6.47 8.72 -15.70
N SER C 262 7.50 7.90 -15.87
CA SER C 262 8.50 8.14 -16.91
C SER C 262 7.94 8.00 -18.33
N VAL C 263 6.80 7.35 -18.50
CA VAL C 263 6.28 7.16 -19.86
C VAL C 263 5.72 8.45 -20.44
N SER C 264 5.34 9.41 -19.58
CA SER C 264 4.62 10.58 -20.08
C SER C 264 5.54 11.55 -20.82
N GLU C 265 6.84 11.55 -20.51
CA GLU C 265 7.74 12.49 -21.15
C GLU C 265 7.86 12.23 -22.65
N LYS C 266 7.95 10.95 -23.03
CA LYS C 266 8.19 10.59 -24.43
C LYS C 266 6.91 10.36 -25.22
N SER C 267 5.75 10.37 -24.57
CA SER C 267 4.51 10.06 -25.26
C SER C 267 3.89 11.33 -25.83
N SER C 268 3.06 11.14 -26.85
CA SER C 268 2.34 12.25 -27.47
C SER C 268 0.83 12.09 -27.41
N VAL C 269 0.32 11.03 -26.79
CA VAL C 269 -1.11 10.86 -26.63
C VAL C 269 -1.59 11.19 -25.23
N SER C 270 -0.71 11.15 -24.22
CA SER C 270 -1.10 11.44 -22.84
C SER C 270 0.13 11.92 -22.10
N PRO C 271 0.37 13.24 -22.08
CA PRO C 271 1.64 13.75 -21.56
C PRO C 271 1.68 14.11 -20.07
N GLY C 272 0.56 14.18 -19.37
CA GLY C 272 0.62 14.69 -18.01
C GLY C 272 -0.22 14.02 -16.96
N TYR C 273 -0.96 14.82 -16.18
CA TYR C 273 -1.78 14.33 -15.08
C TYR C 273 -2.78 15.40 -14.70
N ASN C 274 -4.07 15.09 -14.75
CA ASN C 274 -5.11 16.05 -14.39
C ASN C 274 -6.36 15.30 -13.96
N PHE C 275 -7.30 16.05 -13.37
CA PHE C 275 -8.58 15.50 -12.92
C PHE C 275 -9.58 16.62 -12.75
N ARG C 276 -10.85 16.25 -12.59
CA ARG C 276 -11.94 17.19 -12.38
C ARG C 276 -12.56 16.99 -11.00
N PHE C 277 -13.05 18.09 -10.41
CA PHE C 277 -13.89 18.03 -9.22
C PHE C 277 -14.77 19.27 -9.20
N ALA C 278 -15.70 19.32 -8.23
CA ALA C 278 -16.73 20.34 -8.25
C ALA C 278 -17.13 20.76 -6.84
N LYS C 279 -17.78 21.92 -6.76
CA LYS C 279 -18.32 22.47 -5.52
C LYS C 279 -19.80 22.76 -5.72
N TYR C 280 -20.62 22.41 -4.73
CA TYR C 280 -22.07 22.44 -4.87
C TYR C 280 -22.69 23.50 -3.97
N TYR C 281 -23.64 24.25 -4.52
CA TYR C 281 -24.36 25.28 -3.79
C TYR C 281 -25.86 25.08 -3.98
N LYS C 282 -26.64 25.95 -3.34
CA LYS C 282 -28.09 25.90 -3.44
C LYS C 282 -28.66 27.27 -3.09
N MET C 283 -29.66 27.71 -3.83
CA MET C 283 -30.24 29.03 -3.64
C MET C 283 -31.21 29.04 -2.48
N GLU C 284 -31.86 30.19 -2.26
CA GLU C 284 -32.93 30.27 -1.28
C GLU C 284 -34.12 29.44 -1.70
N ASN C 285 -34.43 29.44 -2.99
CA ASN C 285 -35.33 28.45 -3.55
C ASN C 285 -34.63 27.09 -3.59
N GLY C 286 -35.32 26.09 -4.14
CA GLY C 286 -34.73 24.76 -4.17
C GLY C 286 -33.70 24.55 -5.25
N SER C 287 -33.50 25.53 -6.14
CA SER C 287 -32.62 25.32 -7.29
C SER C 287 -31.18 25.12 -6.87
N GLU C 288 -30.46 24.32 -7.65
CA GLU C 288 -29.10 23.89 -7.33
C GLU C 288 -28.16 24.25 -8.47
N TYR C 289 -26.96 24.70 -8.13
CA TYR C 289 -25.94 25.00 -9.12
C TYR C 289 -24.57 24.60 -8.57
N ARG C 290 -23.55 24.68 -9.42
CA ARG C 290 -22.24 24.17 -9.05
C ARG C 290 -21.15 24.90 -9.81
N THR C 291 -19.90 24.61 -9.44
CA THR C 291 -18.71 25.16 -10.09
C THR C 291 -17.77 24.01 -10.42
N LEU C 292 -17.36 23.91 -11.68
CA LEU C 292 -16.53 22.80 -12.14
C LEU C 292 -15.11 23.27 -12.37
N LEU C 293 -14.14 22.50 -11.87
CA LEU C 293 -12.73 22.85 -11.97
C LEU C 293 -11.94 21.69 -12.58
N LYS C 294 -11.04 22.00 -13.50
CA LYS C 294 -10.09 21.03 -14.04
C LYS C 294 -8.70 21.42 -13.57
N ALA C 295 -8.02 20.49 -12.92
CA ALA C 295 -6.81 20.82 -12.17
C ALA C 295 -5.61 20.03 -12.67
N PHE C 296 -4.49 20.72 -12.82
CA PHE C 296 -3.20 20.11 -13.11
C PHE C 296 -2.30 20.25 -11.89
N GLY C 297 -1.42 19.30 -11.67
CA GLY C 297 -0.57 19.43 -10.50
C GLY C 297 0.47 18.33 -10.41
N ILE C 298 1.24 18.40 -9.33
CA ILE C 298 2.32 17.46 -9.05
C ILE C 298 1.93 16.59 -7.88
N ARG C 299 2.09 15.29 -8.02
CA ARG C 299 1.73 14.33 -6.97
C ARG C 299 3.00 13.79 -6.32
N PHE C 300 3.07 13.89 -4.99
CA PHE C 300 4.18 13.37 -4.22
C PHE C 300 3.74 12.11 -3.48
N ASP C 301 4.69 11.23 -3.20
CA ASP C 301 4.42 10.08 -2.35
C ASP C 301 5.71 9.56 -1.75
N VAL C 302 5.64 9.13 -0.49
CA VAL C 302 6.81 8.78 0.30
C VAL C 302 6.88 7.27 0.43
N LEU C 303 8.06 6.71 0.18
CA LEU C 303 8.28 5.27 0.17
C LEU C 303 9.36 4.93 1.18
N VAL C 304 9.15 3.89 1.97
CA VAL C 304 10.04 3.54 3.07
C VAL C 304 10.43 2.09 2.97
N TYR C 305 11.71 1.80 3.21
CA TYR C 305 12.24 0.44 3.16
C TYR C 305 13.45 0.34 4.07
N GLY C 306 13.87 -0.89 4.34
CA GLY C 306 15.10 -1.09 5.10
C GLY C 306 15.23 -2.51 5.57
N ASN C 307 16.39 -2.79 6.19
CA ASN C 307 16.66 -4.08 6.81
C ASN C 307 17.75 -3.93 7.85
N ALA C 308 17.79 -4.87 8.79
CA ALA C 308 18.73 -4.82 9.89
C ALA C 308 19.27 -6.21 10.18
N GLY C 309 20.44 -6.26 10.82
CA GLY C 309 21.05 -7.51 11.19
C GLY C 309 21.70 -7.42 12.56
N LYS C 310 21.84 -8.57 13.20
CA LYS C 310 22.39 -8.64 14.55
C LYS C 310 23.01 -10.01 14.77
N PHE C 311 24.15 -10.04 15.45
CA PHE C 311 24.90 -11.27 15.64
C PHE C 311 24.11 -12.29 16.45
N ASN C 312 24.18 -13.55 16.04
CA ASN C 312 23.48 -14.63 16.73
C ASN C 312 24.27 -15.91 16.54
N ILE C 313 24.23 -16.77 17.57
CA ILE C 313 25.12 -17.91 17.62
C ILE C 313 24.73 -18.99 16.61
N ILE C 314 23.42 -19.17 16.39
CA ILE C 314 22.98 -20.31 15.58
C ILE C 314 23.47 -20.24 14.14
N PRO C 315 23.32 -19.14 13.40
CA PRO C 315 23.86 -19.12 12.03
C PRO C 315 25.37 -19.18 11.98
N THR C 316 26.07 -18.89 13.08
CA THR C 316 27.52 -19.00 13.09
C THR C 316 27.96 -20.46 13.00
N ILE C 317 27.35 -21.33 13.80
CA ILE C 317 27.72 -22.74 13.79
C ILE C 317 27.40 -23.38 12.45
N ILE C 318 26.22 -23.08 11.90
CA ILE C 318 25.78 -23.71 10.67
C ILE C 318 26.72 -23.37 9.53
N SER C 319 27.11 -22.11 9.42
CA SER C 319 27.99 -21.69 8.34
C SER C 319 29.43 -22.15 8.58
N SER C 320 29.87 -22.18 9.83
CA SER C 320 31.22 -22.64 10.14
C SER C 320 31.40 -24.11 9.83
N VAL C 321 30.38 -24.92 10.13
CA VAL C 321 30.44 -26.35 9.84
C VAL C 321 30.55 -26.57 8.33
N ALA C 322 29.79 -25.82 7.55
CA ALA C 322 29.88 -25.92 6.10
C ALA C 322 31.27 -25.56 5.61
N ALA C 323 31.97 -24.69 6.34
CA ALA C 323 33.34 -24.35 5.96
C ALA C 323 34.28 -25.54 6.13
N PHE C 324 34.19 -26.22 7.28
CA PHE C 324 35.04 -27.38 7.52
C PHE C 324 34.68 -28.52 6.57
N THR C 325 33.39 -28.72 6.33
CA THR C 325 32.98 -29.76 5.38
C THR C 325 33.48 -29.46 3.98
N SER C 326 33.42 -28.18 3.57
CA SER C 326 33.78 -27.84 2.20
C SER C 326 35.26 -28.08 1.94
N VAL C 327 36.12 -27.76 2.89
CA VAL C 327 37.55 -27.97 2.68
C VAL C 327 37.88 -29.46 2.69
N GLY C 328 37.26 -30.22 3.60
CA GLY C 328 37.52 -31.65 3.65
C GLY C 328 37.02 -32.36 2.41
N VAL C 329 35.79 -32.06 1.99
CA VAL C 329 35.25 -32.67 0.77
C VAL C 329 35.95 -32.12 -0.46
N GLY C 330 36.24 -30.82 -0.46
CA GLY C 330 36.86 -30.20 -1.63
C GLY C 330 38.22 -30.78 -1.96
N THR C 331 39.01 -31.09 -0.94
CA THR C 331 40.33 -31.67 -1.18
C THR C 331 40.20 -33.08 -1.76
N VAL C 332 39.33 -33.92 -1.17
CA VAL C 332 39.24 -35.32 -1.57
C VAL C 332 38.89 -35.44 -3.05
N LEU C 333 37.91 -34.65 -3.49
CA LEU C 333 37.61 -34.60 -4.92
C LEU C 333 38.79 -34.05 -5.71
N CYS C 334 39.45 -33.02 -5.18
CA CYS C 334 40.62 -32.48 -5.85
C CYS C 334 41.76 -33.51 -5.89
N ASP C 335 41.79 -34.42 -4.92
CA ASP C 335 42.79 -35.48 -4.96
C ASP C 335 42.53 -36.45 -6.11
N ILE C 336 41.28 -36.84 -6.30
CA ILE C 336 40.95 -37.81 -7.35
C ILE C 336 41.20 -37.22 -8.73
N ILE C 337 40.81 -35.96 -8.94
CA ILE C 337 41.06 -35.33 -10.24
C ILE C 337 42.56 -35.16 -10.47
N LEU C 338 43.31 -34.91 -9.39
CA LEU C 338 44.76 -34.81 -9.53
C LEU C 338 45.41 -36.16 -9.77
N LEU C 339 44.73 -37.26 -9.44
CA LEU C 339 45.29 -38.59 -9.69
C LEU C 339 45.45 -38.82 -11.20
N ASN C 340 44.41 -38.48 -11.97
CA ASN C 340 44.53 -38.55 -13.43
C ASN C 340 45.52 -37.51 -13.95
N PHE C 341 45.53 -36.32 -13.34
CA PHE C 341 46.50 -35.31 -13.73
C PHE C 341 47.92 -35.78 -13.46
N LEU C 342 48.15 -36.37 -12.29
CA LEU C 342 49.48 -36.89 -11.98
C LEU C 342 49.81 -38.12 -12.81
N LYS C 343 48.80 -38.94 -13.12
CA LYS C 343 49.04 -40.10 -13.97
C LYS C 343 49.36 -39.69 -15.40
N GLY C 344 48.74 -38.60 -15.88
CA GLY C 344 48.98 -38.11 -17.22
C GLY C 344 50.33 -37.44 -17.38
C1 A1L2M D . 18.48 -26.71 4.97
C2 A1L2M D . 19.19 -26.52 3.76
C3 A1L2M D . 18.47 -26.05 2.62
C4 A1L2M D . 17.14 -25.80 2.69
C5 A1L2M D . 16.44 -25.98 3.89
C6 A1L2M D . 17.09 -26.44 4.99
C10 A1L2M D . 20.57 -26.80 3.73
C12 A1L2M D . 21.26 -27.95 7.28
C21 A1L2M D . 23.67 -28.46 7.08
C23 A1L2M D . 25.35 -29.95 7.88
C25 A1L2M D . 25.18 -29.73 5.63
C26 A1L2M D . 24.10 -28.79 5.80
C28 A1L2M D . 26.83 -30.86 4.28
C29 A1L2M D . 26.56 -32.16 3.57
C31 A1L2M D . 25.18 -30.80 2.08
C32 A1L2M D . 24.58 -30.47 3.42
C34 A1L2M D . 25.04 -29.77 9.96
C36 A1L2M D . 25.23 -29.98 11.39
C37 A1L2M D . 24.04 -29.90 12.30
C38 A1L2M D . 25.06 -28.83 12.33
C39 A1L2M D . 26.70 -32.49 1.13
C42 A1L2M D . 21.11 -29.47 7.45
C7 A1L2M D . 19.18 -27.18 6.10
C8 A1L2M D . 20.52 -27.45 6.05
C9 A1L2M D . 21.21 -27.24 4.84
N13 A1L2M D . 22.68 -27.59 7.30
N22 A1L2M D . 24.34 -29.09 8.11
N24 A1L2M D . 25.80 -30.31 6.66
N27 A1L2M D . 25.61 -30.05 4.38
N30 A1L2M D . 26.17 -31.87 2.19
N33 A1L2M D . 24.13 -28.94 9.44
N35 A1L2M D . 25.79 -30.39 9.06
N40 A1L2M D . 26.21 -32.18 -0.06
O41 A1L2M D . 27.61 -33.32 1.27
PG ATP E . -27.25 -0.23 8.61
O1G ATP E . -28.61 -0.27 7.99
O2G ATP E . -26.26 0.67 7.93
O3G ATP E . -27.25 -0.10 10.11
PB ATP E . -26.58 -2.36 6.92
O1B ATP E . -27.35 -3.65 6.96
O2B ATP E . -26.94 -1.33 5.90
O3B ATP E . -26.65 -1.69 8.38
PA ATP E . -24.34 -4.10 6.87
O1A ATP E . -22.88 -3.98 6.54
O2A ATP E . -25.21 -5.04 6.11
O3A ATP E . -24.99 -2.65 6.85
O5' ATP E . -24.46 -4.43 8.43
C5' ATP E . -24.71 -5.74 8.92
C4' ATP E . -25.21 -5.62 10.35
O4' ATP E . -24.16 -5.24 11.21
C3' ATP E . -26.27 -4.54 10.45
O3' ATP E . -27.45 -5.10 11.03
C2' ATP E . -25.73 -3.51 11.41
O2' ATP E . -26.73 -3.21 12.38
C1' ATP E . -24.55 -4.18 12.07
N9 ATP E . -23.42 -3.23 12.21
C8 ATP E . -22.67 -2.77 11.22
N7 ATP E . -21.72 -1.93 11.68
C5 ATP E . -21.85 -1.85 13.01
C6 ATP E . -21.17 -1.15 14.11
N6 ATP E . -20.12 -0.33 13.85
N1 ATP E . -21.63 -1.34 15.36
C2 ATP E . -22.66 -2.14 15.61
N3 ATP E . -23.33 -2.82 14.66
C4 ATP E . -22.98 -2.72 13.36
C1 NAG F . -20.11 4.82 27.81
C2 NAG F . -20.04 6.16 28.54
C3 NAG F . -19.87 5.96 30.04
C4 NAG F . -20.82 4.89 30.57
C5 NAG F . -20.61 3.60 29.78
C6 NAG F . -21.51 2.48 30.27
C7 NAG F . -18.77 8.25 28.32
C8 NAG F . -17.35 8.73 28.39
N2 NAG F . -18.94 6.97 28.03
O3 NAG F . -20.08 7.18 30.72
O4 NAG F . -20.54 4.65 31.94
O5 NAG F . -20.96 3.85 28.41
O6 NAG F . -21.27 1.29 29.52
O7 NAG F . -19.72 9.00 28.53
C1 NAG G . -18.25 -21.02 16.55
C2 NAG G . -18.50 -21.07 18.05
C3 NAG G . -17.21 -20.81 18.82
C4 NAG G . -16.10 -21.72 18.31
C5 NAG G . -15.94 -21.54 16.81
C6 NAG G . -14.89 -22.44 16.22
C7 NAG G . -20.18 -20.09 19.57
C8 NAG G . -21.05 -18.90 19.81
N2 NAG G . -19.54 -20.12 18.40
O3 NAG G . -17.43 -21.01 20.20
O4 NAG G . -14.88 -21.37 18.95
O5 NAG G . -17.18 -21.87 16.17
O6 NAG G . -14.78 -22.26 14.81
O7 NAG G . -20.08 -21.00 20.38
C1 NAG H . -23.87 41.21 -2.41
C2 NAG H . -22.77 42.21 -2.77
C3 NAG H . -21.69 42.19 -1.70
C4 NAG H . -22.29 42.35 -0.31
C5 NAG H . -23.35 41.27 -0.09
C6 NAG H . -24.03 41.38 1.25
C7 NAG H . -22.38 42.72 -5.11
C8 NAG H . -21.72 42.30 -6.40
N2 NAG H . -22.20 41.93 -4.07
O3 NAG H . -20.74 43.21 -1.96
O4 NAG H . -21.27 42.20 0.67
O5 NAG H . -24.37 41.40 -1.10
O6 NAG H . -25.01 40.36 1.42
O7 NAG H . -23.06 43.75 -5.05
MG MG I . -0.14 27.38 15.59
C1 A1L2M J . 19.74 -25.57 -5.77
C2 A1L2M J . 20.35 -25.35 -4.52
C3 A1L2M J . 20.57 -24.01 -4.09
C4 A1L2M J . 20.20 -22.97 -4.87
C5 A1L2M J . 19.60 -23.19 -6.12
C6 A1L2M J . 19.37 -24.45 -6.55
C10 A1L2M J . 20.71 -26.47 -3.73
C12 A1L2M J . 19.62 -29.39 -5.91
C21 A1L2M J . 20.52 -31.33 -4.67
C23 A1L2M J . 21.35 -33.51 -5.15
C25 A1L2M J . 22.58 -32.24 -3.73
C26 A1L2M J . 21.63 -31.17 -3.86
C28 A1L2M J . 24.73 -33.11 -2.84
C29 A1L2M J . 25.97 -32.67 -3.56
C31 A1L2M J . 25.38 -30.34 -3.20
C32 A1L2M J . 24.13 -30.78 -2.47
C34 A1L2M J . 19.85 -34.18 -6.47
C36 A1L2M J . 19.10 -35.06 -7.37
C37 A1L2M J . 17.61 -35.01 -7.37
C38 A1L2M J . 18.29 -36.18 -6.80
C39 A1L2M J . 27.62 -31.11 -2.59
C42 A1L2M J . 20.63 -29.82 -6.97
C7 A1L2M J . 19.51 -26.91 -6.20
C8 A1L2M J . 19.87 -27.97 -5.43
C9 A1L2M J . 20.48 -27.74 -4.18
N13 A1L2M J . 19.61 -30.36 -4.82
N22 A1L2M J . 20.42 -32.55 -5.30
N24 A1L2M J . 22.46 -33.41 -4.37
N27 A1L2M J . 23.69 -32.08 -2.95
N30 A1L2M J . 26.40 -31.37 -3.09
N33 A1L2M J . 19.45 -32.96 -6.14
N35 A1L2M J . 20.99 -34.57 -5.89
N40 A1L2M J . 27.89 -29.87 -2.26
O41 A1L2M J . 28.45 -32.02 -2.44
PG ATP K . -9.83 15.20 -21.86
O1G ATP K . -10.31 14.55 -20.60
O2G ATP K . -10.69 16.34 -22.36
O3G ATP K . -9.42 14.24 -22.93
PB ATP K . -7.01 15.32 -21.80
O1B ATP K . -6.89 15.27 -23.30
O2B ATP K . -5.98 16.06 -21.01
O3B ATP K . -8.45 15.91 -21.43
PA ATP K . -5.77 12.88 -21.40
O1A ATP K . -5.40 12.30 -20.06
O2A ATP K . -4.79 13.65 -22.22
O3A ATP K . -7.06 13.82 -21.24
O5' ATP K . -6.37 11.71 -22.31
C5' ATP K . -5.71 11.29 -23.50
C4' ATP K . -6.77 10.88 -24.51
O4' ATP K . -7.43 9.72 -24.05
C3' ATP K . -7.81 11.95 -24.68
O3' ATP K . -7.91 12.32 -26.05
C2' ATP K . -9.12 11.34 -24.24
O2' ATP K . -10.10 11.60 -25.24
C1' ATP K . -8.85 9.86 -24.15
N9 ATP K . -9.48 9.28 -22.95
C8 ATP K . -9.04 9.46 -21.69
N7 ATP K . -9.82 8.79 -20.80
C5 ATP K . -10.76 8.16 -21.51
C6 ATP K . -11.90 7.28 -21.19
N6 ATP K . -12.18 6.93 -19.93
N1 ATP K . -12.64 6.82 -22.22
C2 ATP K . -12.37 7.15 -23.48
N3 ATP K . -11.35 7.95 -23.85
C4 ATP K . -10.53 8.48 -22.92
C1 NAG L . -24.83 0.51 -24.08
C2 NAG L . -26.31 0.54 -23.68
C3 NAG L . -27.09 -0.49 -24.48
C4 NAG L . -26.76 -0.40 -25.97
C5 NAG L . -25.27 -0.52 -26.18
C6 NAG L . -24.86 -0.41 -27.62
C7 NAG L . -27.62 0.52 -21.61
C8 NAG L . -27.83 -0.31 -20.38
N2 NAG L . -26.47 0.32 -22.26
O3 NAG L . -28.49 -0.33 -24.27
O4 NAG L . -27.41 -1.47 -26.66
O5 NAG L . -24.62 0.56 -25.47
O6 NAG L . -23.44 -0.52 -27.76
O7 NAG L . -28.44 1.34 -21.99
C1 NAG M . 2.62 -2.69 -31.10
C2 NAG M . 1.66 -3.45 -32.02
C3 NAG M . 1.26 -4.80 -31.42
C4 NAG M . 2.49 -5.57 -31.00
C5 NAG M . 3.24 -4.74 -29.96
C6 NAG M . 4.48 -5.42 -29.45
C7 NAG M . -0.36 -2.92 -33.32
C8 NAG M . -1.64 -2.13 -33.30
N2 NAG M . 0.49 -2.66 -32.32
O3 NAG M . 0.52 -5.56 -32.38
O4 NAG M . 2.11 -6.81 -30.41
O5 NAG M . 3.66 -3.49 -30.56
O6 NAG M . 5.19 -4.60 -28.51
O7 NAG M . -0.12 -3.75 -34.17
C1 NAG N . -32.74 32.15 10.89
C2 NAG N . -33.42 31.51 12.11
C3 NAG N . -34.32 30.36 11.67
C4 NAG N . -35.20 30.77 10.50
C5 NAG N . -34.35 31.33 9.37
C6 NAG N . -35.17 31.77 8.18
C7 NAG N . -32.65 30.72 14.31
C8 NAG N . -31.49 30.13 15.05
N2 NAG N . -32.40 31.09 13.05
O3 NAG N . -35.09 29.90 12.76
O4 NAG N . -35.91 29.63 10.03
O5 NAG N . -33.64 32.48 9.85
O6 NAG N . -34.32 32.23 7.12
O7 NAG N . -33.76 30.85 14.83
MG MG O . -30.62 0.20 8.03
C1 A1L2M P . 25.87 -20.04 0.73
C2 A1L2M P . 25.06 -21.18 0.52
C3 A1L2M P . 23.80 -21.25 1.17
C4 A1L2M P . 23.38 -20.24 1.99
C5 A1L2M P . 24.18 -19.12 2.21
C6 A1L2M P . 25.40 -19.02 1.59
C10 A1L2M P . 25.51 -22.20 -0.33
C12 A1L2M P . 28.90 -20.87 -1.43
C21 A1L2M P . 29.79 -22.81 -2.67
C23 A1L2M P . 31.86 -23.87 -3.19
C25 A1L2M P . 30.21 -25.20 -2.38
C26 A1L2M P . 29.33 -24.07 -2.29
C28 A1L2M P . 30.61 -27.64 -2.09
C29 A1L2M P . 30.89 -28.16 -0.71
C31 A1L2M P . 28.83 -27.18 0.11
C32 A1L2M P . 28.53 -26.65 -1.27
C34 A1L2M P . 32.95 -22.20 -3.86
C36 A1L2M P . 34.06 -21.41 -4.39
C37 A1L2M P . 33.78 -20.27 -5.31
C38 A1L2M P . 34.41 -21.50 -5.84
C39 A1L2M P . 29.28 -29.56 0.53
C42 A1L2M P . 30.05 -21.19 -0.46
C7 A1L2M P . 27.13 -19.97 0.08
C8 A1L2M P . 27.55 -20.96 -0.74
C9 A1L2M P . 26.72 -22.09 -0.95
N13 A1L2M P . 29.01 -21.72 -2.61
N22 A1L2M P . 31.09 -22.77 -3.13
N24 A1L2M P . 31.46 -25.12 -2.83
N27 A1L2M P . 29.77 -26.44 -2.01
N30 A1L2M P . 29.65 -28.38 0.01
N33 A1L2M P . 31.77 -21.69 -3.56
N35 A1L2M P . 33.06 -23.52 -3.66
N40 A1L2M P . 28.14 -29.61 1.19
O41 A1L2M P . 30.00 -30.56 0.40
PG ATP Q . 1.12 25.14 13.48
O1G ATP Q . 0.09 25.61 14.48
O2G ATP Q . 2.02 26.24 12.96
O3G ATP Q . 0.61 24.23 12.41
PB ATP Q . 1.61 22.93 15.15
O1B ATP Q . 1.23 23.39 16.53
O2B ATP Q . 0.61 22.18 14.33
O3B ATP Q . 2.11 24.23 14.34
PA ATP Q . 3.37 20.77 14.50
O1A ATP Q . 2.46 20.52 13.32
O2A ATP Q . 3.55 19.69 15.54
O3A ATP Q . 2.98 22.13 15.26
O5' ATP Q . 4.79 21.22 13.92
C5' ATP Q . 5.89 21.45 14.78
C4' ATP Q . 6.60 22.71 14.31
O4' ATP Q . 6.99 22.55 12.95
C3' ATP Q . 5.67 23.90 14.35
O3' ATP Q . 6.28 24.93 15.13
C2' ATP Q . 5.56 24.41 12.93
O2' ATP Q . 5.78 25.81 12.94
C1' ATP Q . 6.67 23.72 12.19
N9 ATP Q . 6.26 23.31 10.83
C8 ATP Q . 5.41 22.32 10.54
N7 ATP Q . 5.25 22.19 9.20
C5 ATP Q . 6.03 23.12 8.62
C6 ATP Q . 6.33 23.53 7.24
N6 ATP Q . 5.76 22.91 6.19
N1 ATP Q . 7.19 24.54 7.06
C2 ATP Q . 7.76 25.17 8.09
N3 ATP Q . 7.53 24.84 9.37
C4 ATP Q . 6.69 23.85 9.70
C1 NAG R . 10.52 32.55 -4.10
C2 NAG R . 9.92 33.56 -5.06
C3 NAG R . 11.01 34.32 -5.82
C4 NAG R . 12.13 34.77 -4.89
C5 NAG R . 12.68 33.56 -4.15
C6 NAG R . 13.82 33.90 -3.23
C7 NAG R . 8.21 33.57 -6.83
C8 NAG R . 8.01 32.98 -8.18
N2 NAG R . 9.04 32.91 -6.01
O3 NAG R . 10.45 35.44 -6.49
O4 NAG R . 13.17 35.35 -5.66
O5 NAG R . 11.63 33.01 -3.34
O6 NAG R . 14.34 32.73 -2.60
O7 NAG R . 7.65 34.61 -6.48
C1 NAG S . 23.18 15.06 16.20
C2 NAG S . 24.14 16.14 15.68
C3 NAG S . 24.40 15.93 14.19
C4 NAG S . 24.82 14.50 13.92
C5 NAG S . 23.71 13.57 14.42
C6 NAG S . 24.03 12.11 14.19
C7 NAG S . 24.21 18.33 16.75
C8 NAG S . 23.67 19.73 16.74
N2 NAG S . 23.65 17.48 15.89
O3 NAG S . 25.40 16.84 13.75
O4 NAG S . 24.98 14.31 12.51
O5 NAG S . 23.58 13.76 15.84
O6 NAG S . 25.23 11.74 14.85
O7 NAG S . 25.11 17.98 17.51
C1 NAG T . -36.58 28.95 -7.82
C2 NAG T . -36.96 28.58 -9.26
C3 NAG T . -35.91 29.12 -10.24
C4 NAG T . -35.61 30.59 -9.96
C5 NAG T . -35.19 30.76 -8.50
C6 NAG T . -34.87 32.18 -8.13
C7 NAG T . -38.27 26.55 -9.58
C8 NAG T . -38.24 25.06 -9.66
N2 NAG T . -37.09 27.15 -9.40
O3 NAG T . -36.37 28.94 -11.56
O4 NAG T . -34.54 31.01 -10.80
O5 NAG T . -36.28 30.33 -7.66
O6 NAG T . -34.43 32.27 -6.77
O7 NAG T . -39.31 27.20 -9.65
MG MG U . -10.47 18.14 -23.44
#